data_6BX8
#
_entry.id   6BX8
#
_cell.length_a   35.137
_cell.length_b   87.199
_cell.length_c   90.840
_cell.angle_alpha   94.810
_cell.angle_beta   93.030
_cell.angle_gamma   92.460
#
_symmetry.space_group_name_H-M   'P 1'
#
loop_
_entity.id
_entity.type
_entity.pdbx_description
1 polymer Trypsin-3
2 polymer 'Tissue factor pathway inhibitor'
3 non-polymer 'SULFATE ION'
4 water water
#
loop_
_entity_poly.entity_id
_entity_poly.type
_entity_poly.pdbx_seq_one_letter_code
_entity_poly.pdbx_strand_id
1 'polypeptide(L)'
;IVGGYTCEENSLPYQVSLNSGSHFCGGSLISEQWVVSAAHCYKTRIQVRLGEHNIKVLEGNEQFINAAKIIRHPKYNRDT
LDNDIMLIKLSSPAVINARVSTISLPTAPPAAGTECLISGWGNTLSFGADYPDELKCLDAPVLTQAECKASYPGKITNSM
FCVGFLEGGKDSCQRDAGGPVVCNGQLQGVVSWGHGCAWKNRPGVYTKVYNYVDWIKDTIAANS
;
A,C,E,G
2 'polypeptide(L)' YVDYKDDDDKEFMHSFCAFKADDGPCRACMKRFFFNIFTRQCEEFCYGGCEGNQNRFESLEECKKMCTRDPRHHHHHHAN B,D,F,H
#
# COMPACT_ATOMS: atom_id res chain seq x y z
N ILE A 1 15.56 -17.48 20.78
CA ILE A 1 16.93 -17.44 20.21
C ILE A 1 17.86 -18.21 21.13
N VAL A 2 18.46 -19.28 20.61
CA VAL A 2 19.42 -20.08 21.36
C VAL A 2 20.82 -19.68 20.92
N GLY A 3 21.69 -19.47 21.87
CA GLY A 3 23.10 -19.16 21.62
C GLY A 3 23.37 -17.77 21.16
N GLY A 4 22.43 -16.85 21.39
CA GLY A 4 22.51 -15.49 20.93
C GLY A 4 22.97 -14.59 22.06
N TYR A 5 22.61 -13.32 21.94
CA TYR A 5 22.89 -12.31 22.96
C TYR A 5 21.70 -11.41 23.07
N THR A 6 21.61 -10.64 24.13
CA THR A 6 20.53 -9.63 24.27
C THR A 6 20.76 -8.42 23.37
N CYS A 7 19.78 -8.14 22.53
CA CYS A 7 19.83 -6.99 21.66
C CYS A 7 19.91 -5.76 22.51
N GLU A 8 20.68 -4.79 22.05
CA GLU A 8 20.63 -3.47 22.63
C GLU A 8 19.21 -2.92 22.55
N GLU A 9 18.77 -2.25 23.60
CA GLU A 9 17.41 -1.74 23.73
C GLU A 9 17.01 -0.86 22.54
N ASN A 10 15.96 -1.25 21.87
CA ASN A 10 15.42 -0.50 20.75
C ASN A 10 16.38 -0.40 19.56
N SER A 11 17.35 -1.31 19.46
CA SER A 11 18.29 -1.31 18.35
C SER A 11 17.66 -1.98 17.10
N LEU A 12 16.53 -2.69 17.27
CA LEU A 12 15.77 -3.25 16.19
C LEU A 12 14.36 -2.70 16.17
N PRO A 13 14.22 -1.45 15.72
CA PRO A 13 12.89 -0.80 15.78
C PRO A 13 11.81 -1.40 14.90
N TYR A 14 12.20 -2.25 13.97
CA TYR A 14 11.31 -2.98 13.10
C TYR A 14 10.78 -4.23 13.75
N GLN A 15 11.30 -4.62 14.91
CA GLN A 15 10.88 -5.90 15.48
C GLN A 15 9.60 -5.69 16.24
N VAL A 16 8.56 -6.46 15.94
CA VAL A 16 7.32 -6.40 16.64
C VAL A 16 6.95 -7.75 17.24
N SER A 17 5.96 -7.72 18.12
CA SER A 17 5.40 -8.95 18.65
C SER A 17 3.91 -9.07 18.35
N LEU A 18 3.46 -10.32 18.19
CA LEU A 18 2.05 -10.65 18.01
C LEU A 18 1.54 -11.19 19.34
N ASN A 19 0.39 -10.66 19.76
CA ASN A 19 -0.14 -10.95 21.01
C ASN A 19 -1.60 -11.34 20.95
N SER A 20 -1.93 -12.37 21.73
CA SER A 20 -3.31 -12.79 21.89
C SER A 20 -3.43 -13.50 23.22
N GLY A 21 -3.56 -12.76 24.29
CA GLY A 21 -3.49 -13.39 25.62
C GLY A 21 -2.04 -13.37 26.09
N SER A 22 -1.09 -13.73 25.23
CA SER A 22 0.31 -13.61 25.53
C SER A 22 1.08 -13.36 24.25
N HIS A 23 2.38 -13.16 24.36
CA HIS A 23 3.29 -13.06 23.22
C HIS A 23 3.42 -14.45 22.61
N PHE A 24 3.06 -14.59 21.33
CA PHE A 24 3.07 -15.89 20.68
C PHE A 24 3.92 -15.99 19.43
N CYS A 25 4.28 -14.88 18.86
CA CYS A 25 5.08 -14.79 17.60
C CYS A 25 5.66 -13.40 17.50
N GLY A 26 6.61 -13.26 16.57
CA GLY A 26 7.20 -12.03 16.19
C GLY A 26 6.68 -11.62 14.83
N GLY A 27 7.15 -10.47 14.40
CA GLY A 27 6.90 -9.89 13.13
C GLY A 27 7.86 -8.73 12.87
N SER A 28 7.76 -8.21 11.65
CA SER A 28 8.54 -7.14 11.15
C SER A 28 7.69 -6.04 10.56
N LEU A 29 7.93 -4.82 11.02
CA LEU A 29 7.23 -3.66 10.50
C LEU A 29 7.87 -3.26 9.17
N ILE A 30 7.09 -3.37 8.09
CA ILE A 30 7.59 -3.01 6.79
C ILE A 30 7.08 -1.74 6.18
N SER A 31 6.03 -1.22 6.73
CA SER A 31 5.54 0.10 6.38
C SER A 31 4.87 0.67 7.60
N GLU A 32 4.34 1.88 7.52
CA GLU A 32 3.64 2.45 8.65
C GLU A 32 2.55 1.55 9.19
N GLN A 33 1.82 0.93 8.30
CA GLN A 33 0.61 0.24 8.66
C GLN A 33 0.65 -1.26 8.40
N TRP A 34 1.79 -1.78 8.01
CA TRP A 34 1.87 -3.18 7.68
C TRP A 34 3.03 -3.91 8.33
N VAL A 35 2.74 -5.14 8.73
CA VAL A 35 3.67 -6.06 9.38
C VAL A 35 3.71 -7.35 8.58
N VAL A 36 4.92 -7.88 8.37
CA VAL A 36 5.12 -9.23 7.85
C VAL A 36 5.37 -10.22 8.96
N SER A 37 4.73 -11.37 8.89
CA SER A 37 4.94 -12.48 9.85
C SER A 37 4.80 -13.80 9.14
N ALA A 38 4.76 -14.90 9.91
CA ALA A 38 4.64 -16.22 9.31
C ALA A 38 3.16 -16.59 9.29
N ALA A 39 2.75 -17.32 8.26
CA ALA A 39 1.35 -17.74 8.18
C ALA A 39 0.93 -18.66 9.33
N HIS A 40 1.88 -19.43 9.88
CA HIS A 40 1.54 -20.34 10.94
C HIS A 40 1.32 -19.60 12.29
N CYS A 41 1.60 -18.28 12.32
CA CYS A 41 1.24 -17.44 13.40
C CYS A 41 -0.17 -16.88 13.28
N TYR A 42 -0.92 -17.33 12.28
CA TYR A 42 -2.26 -16.82 12.08
C TYR A 42 -3.16 -17.05 13.32
N LYS A 43 -3.86 -15.98 13.69
CA LYS A 43 -5.01 -16.01 14.56
C LYS A 43 -5.98 -14.97 14.08
N THR A 44 -7.23 -15.10 14.45
CA THR A 44 -8.23 -14.23 13.89
C THR A 44 -8.20 -12.80 14.55
N ARG A 45 -7.75 -12.75 15.78
CA ARG A 45 -7.58 -11.50 16.51
C ARG A 45 -6.16 -11.37 17.00
N ILE A 46 -5.50 -10.29 16.64
CA ILE A 46 -4.08 -10.11 17.07
C ILE A 46 -3.87 -8.66 17.51
N GLN A 47 -3.25 -8.48 18.65
CA GLN A 47 -2.62 -7.18 19.03
C GLN A 47 -1.16 -7.16 18.68
N VAL A 48 -0.78 -6.21 17.87
CA VAL A 48 0.64 -6.03 17.57
C VAL A 48 1.24 -5.07 18.60
N ARG A 49 2.40 -5.46 19.10
CA ARG A 49 3.17 -4.57 19.99
C ARG A 49 4.47 -4.14 19.35
N LEU A 50 4.73 -2.85 19.38
CA LEU A 50 5.88 -2.27 18.71
C LEU A 50 6.67 -1.46 19.71
N GLY A 51 7.96 -1.31 19.43
CA GLY A 51 8.85 -0.57 20.29
C GLY A 51 9.25 -1.28 21.55
N GLU A 52 9.08 -2.57 21.63
CA GLU A 52 9.31 -3.29 22.89
C GLU A 52 10.75 -3.65 23.05
N HIS A 53 11.21 -3.72 24.30
CA HIS A 53 12.41 -4.39 24.59
C HIS A 53 12.15 -5.54 25.56
N ASN A 54 11.76 -5.17 26.79
CA ASN A 54 11.37 -6.14 27.78
C ASN A 54 9.83 -6.27 27.71
N ILE A 55 9.36 -7.42 27.32
CA ILE A 55 7.93 -7.61 27.07
C ILE A 55 7.09 -7.63 28.33
N LYS A 56 7.69 -7.87 29.49
CA LYS A 56 6.98 -7.84 30.77
C LYS A 56 7.10 -6.49 31.49
N VAL A 57 8.24 -5.82 31.40
CA VAL A 57 8.43 -4.53 32.11
C VAL A 57 8.35 -3.43 31.03
N LEU A 58 7.15 -2.90 30.82
CA LEU A 58 6.92 -1.87 29.83
C LEU A 58 7.45 -0.52 30.30
N GLU A 59 8.12 0.21 29.42
CA GLU A 59 8.64 1.52 29.70
C GLU A 59 7.55 2.57 29.59
N GLY A 60 6.46 2.29 28.86
CA GLY A 60 5.42 3.27 28.56
C GLY A 60 5.63 4.04 27.26
N ASN A 61 6.57 3.62 26.46
CA ASN A 61 6.81 4.26 25.18
C ASN A 61 6.46 3.33 24.03
N GLU A 62 5.92 2.16 24.31
CA GLU A 62 5.62 1.12 23.35
C GLU A 62 4.33 1.50 22.57
N GLN A 63 4.07 0.87 21.43
CA GLN A 63 2.81 1.07 20.75
C GLN A 63 2.05 -0.27 20.68
N PHE A 64 0.76 -0.24 20.94
CA PHE A 64 -0.10 -1.44 20.94
C PHE A 64 -1.14 -1.12 19.88
N ILE A 65 -1.19 -1.90 18.82
CA ILE A 65 -2.15 -1.62 17.73
C ILE A 65 -2.81 -2.93 17.29
N ASN A 66 -4.13 -2.96 17.30
CA ASN A 66 -4.82 -4.16 16.84
C ASN A 66 -4.65 -4.41 15.36
N ALA A 67 -4.55 -5.67 14.99
CA ALA A 67 -4.60 -6.01 13.55
C ALA A 67 -6.00 -5.76 13.05
N ALA A 68 -6.13 -4.95 11.99
CA ALA A 68 -7.38 -4.81 11.26
C ALA A 68 -7.61 -5.92 10.21
N LYS A 69 -6.57 -6.36 9.54
CA LYS A 69 -6.66 -7.42 8.50
C LYS A 69 -5.45 -8.31 8.67
N ILE A 70 -5.65 -9.59 8.48
CA ILE A 70 -4.63 -10.61 8.72
C ILE A 70 -4.73 -11.54 7.52
N ILE A 71 -3.77 -11.40 6.62
CA ILE A 71 -3.80 -12.10 5.36
C ILE A 71 -2.67 -13.08 5.14
N ARG A 72 -2.97 -14.36 5.18
CA ARG A 72 -1.98 -15.37 4.93
C ARG A 72 -1.79 -15.48 3.42
N HIS A 73 -0.60 -15.85 2.98
CA HIS A 73 -0.39 -16.13 1.59
C HIS A 73 -1.44 -17.14 1.13
N PRO A 74 -2.05 -16.94 -0.03
CA PRO A 74 -3.11 -17.83 -0.43
C PRO A 74 -2.66 -19.27 -0.78
N LYS A 75 -1.36 -19.49 -1.00
CA LYS A 75 -0.80 -20.81 -1.23
C LYS A 75 -0.07 -21.35 -0.03
N TYR A 76 -0.24 -20.74 1.13
CA TYR A 76 0.26 -21.31 2.36
C TYR A 76 -0.34 -22.69 2.58
N ASN A 77 0.49 -23.65 2.99
CA ASN A 77 -0.02 -25.03 3.26
C ASN A 77 0.56 -25.37 4.62
N ARG A 78 -0.35 -25.69 5.58
CA ARG A 78 0.01 -26.00 6.96
C ARG A 78 0.86 -27.29 7.11
N ASP A 79 0.75 -28.24 6.21
CA ASP A 79 1.50 -29.52 6.33
C ASP A 79 2.94 -29.41 5.77
N THR A 80 3.10 -28.78 4.61
CA THR A 80 4.44 -28.66 3.95
C THR A 80 5.15 -27.42 4.38
N LEU A 81 4.42 -26.47 4.98
CA LEU A 81 4.91 -25.14 5.32
C LEU A 81 5.35 -24.30 4.17
N ASP A 82 4.92 -24.64 2.99
CA ASP A 82 5.23 -23.88 1.81
C ASP A 82 4.53 -22.48 1.98
N ASN A 83 5.20 -21.44 1.52
CA ASN A 83 4.66 -20.07 1.51
C ASN A 83 4.23 -19.60 2.90
N ASP A 84 5.10 -19.81 3.89
CA ASP A 84 4.78 -19.52 5.28
C ASP A 84 5.01 -18.04 5.54
N ILE A 85 4.04 -17.22 5.06
CA ILE A 85 4.21 -15.78 5.17
C ILE A 85 2.81 -15.19 5.23
N MET A 86 2.70 -14.08 5.92
CA MET A 86 1.40 -13.45 6.24
C MET A 86 1.62 -11.95 6.43
N LEU A 87 0.62 -11.19 6.01
CA LEU A 87 0.65 -9.74 6.21
C LEU A 87 -0.42 -9.37 7.23
N ILE A 88 -0.07 -8.46 8.13
CA ILE A 88 -0.98 -7.80 9.00
C ILE A 88 -1.13 -6.34 8.67
N LYS A 89 -2.35 -5.87 8.48
CA LYS A 89 -2.65 -4.42 8.37
C LYS A 89 -3.10 -3.98 9.74
N LEU A 90 -2.35 -3.07 10.30
CA LEU A 90 -2.61 -2.46 11.62
C LEU A 90 -3.82 -1.57 11.46
N SER A 91 -4.61 -1.46 12.52
CA SER A 91 -5.84 -0.67 12.40
C SER A 91 -5.56 0.80 12.31
N SER A 92 -4.41 1.26 12.79
CA SER A 92 -3.95 2.60 12.48
C SER A 92 -2.44 2.55 12.16
N PRO A 93 -1.95 3.53 11.39
CA PRO A 93 -0.50 3.57 11.15
C PRO A 93 0.25 3.66 12.48
N ALA A 94 1.33 2.92 12.64
CA ALA A 94 2.29 3.15 13.72
C ALA A 94 2.91 4.55 13.62
N VAL A 95 3.30 5.12 14.75
CA VAL A 95 4.02 6.39 14.82
C VAL A 95 5.47 6.02 14.66
N ILE A 96 6.10 6.54 13.59
CA ILE A 96 7.50 6.23 13.31
C ILE A 96 8.40 7.14 14.16
N ASN A 97 9.29 6.54 14.95
CA ASN A 97 10.19 7.32 15.82
C ASN A 97 11.46 6.50 16.00
N ALA A 98 12.34 6.89 16.92
CA ALA A 98 13.63 6.19 17.10
C ALA A 98 13.43 4.72 17.47
N ARG A 99 12.29 4.36 18.07
CA ARG A 99 12.07 2.97 18.53
C ARG A 99 11.14 2.13 17.68
N VAL A 100 10.47 2.75 16.74
CA VAL A 100 9.51 2.08 15.91
C VAL A 100 9.70 2.62 14.49
N SER A 101 10.26 1.77 13.61
CA SER A 101 10.51 2.17 12.23
C SER A 101 10.64 0.94 11.37
N THR A 102 10.69 1.14 10.06
CA THR A 102 10.44 0.05 9.16
C THR A 102 11.73 -0.62 8.76
N ILE A 103 11.60 -1.83 8.23
CA ILE A 103 12.75 -2.55 7.70
C ILE A 103 12.54 -2.70 6.18
N SER A 104 13.53 -2.37 5.38
CA SER A 104 13.39 -2.46 3.93
C SER A 104 13.19 -3.86 3.38
N LEU A 105 12.32 -3.94 2.38
CA LEU A 105 12.15 -5.18 1.63
C LEU A 105 13.42 -5.46 0.82
N PRO A 106 13.70 -6.73 0.48
CA PRO A 106 14.92 -7.11 -0.16
C PRO A 106 14.88 -6.81 -1.64
N THR A 107 16.00 -6.36 -2.17
CA THR A 107 16.12 -6.06 -3.59
C THR A 107 16.88 -7.20 -4.30
N ALA A 108 17.38 -8.20 -3.59
CA ALA A 108 18.00 -9.35 -4.21
C ALA A 108 17.82 -10.50 -3.24
N PRO A 109 17.77 -11.75 -3.74
CA PRO A 109 17.61 -12.85 -2.76
C PRO A 109 18.87 -13.04 -1.91
N PRO A 110 18.75 -13.83 -0.88
CA PRO A 110 19.89 -13.99 0.01
C PRO A 110 21.03 -14.80 -0.58
N ALA A 111 22.26 -14.37 -0.45
CA ALA A 111 23.35 -15.15 -1.01
C ALA A 111 23.96 -15.98 0.11
N ALA A 112 24.25 -17.24 -0.20
CA ALA A 112 24.97 -18.15 0.69
C ALA A 112 26.20 -17.44 1.30
N GLY A 113 26.33 -17.49 2.63
CA GLY A 113 27.47 -16.93 3.31
C GLY A 113 27.23 -15.51 3.79
N THR A 114 26.14 -14.87 3.38
CA THR A 114 25.82 -13.55 3.83
C THR A 114 25.44 -13.64 5.31
N GLU A 115 25.97 -12.71 6.12
CA GLU A 115 25.70 -12.65 7.54
C GLU A 115 24.36 -11.94 7.78
N CYS A 116 23.49 -12.57 8.55
CA CYS A 116 22.23 -11.98 8.90
C CYS A 116 22.03 -11.82 10.39
N LEU A 117 20.99 -11.08 10.76
CA LEU A 117 20.62 -10.89 12.12
C LEU A 117 19.21 -11.45 12.33
N ILE A 118 19.07 -12.39 13.26
CA ILE A 118 17.81 -13.03 13.59
C ILE A 118 17.44 -12.64 15.00
N SER A 119 16.16 -12.33 15.25
CA SER A 119 15.80 -11.81 16.56
C SER A 119 14.45 -12.26 17.04
N GLY A 120 14.27 -12.26 18.37
CA GLY A 120 12.95 -12.53 18.96
C GLY A 120 13.03 -12.88 20.43
N TRP A 121 11.85 -13.15 20.98
CA TRP A 121 11.66 -13.53 22.33
C TRP A 121 11.46 -15.05 22.53
N GLY A 122 12.05 -15.85 21.67
CA GLY A 122 11.89 -17.29 21.71
C GLY A 122 12.73 -17.95 22.77
N ASN A 123 12.49 -19.22 22.96
CA ASN A 123 13.20 -20.06 23.86
C ASN A 123 14.73 -19.94 23.64
N THR A 124 15.47 -19.87 24.73
CA THR A 124 16.90 -19.74 24.67
C THR A 124 17.62 -21.07 24.92
N LEU A 125 16.88 -22.16 25.15
CA LEU A 125 17.46 -23.49 25.42
C LEU A 125 17.08 -24.52 24.32
N SER A 126 18.04 -25.36 23.94
CA SER A 126 17.80 -26.47 23.03
C SER A 126 17.06 -27.61 23.69
N PHE A 127 17.32 -27.84 24.97
CA PHE A 127 16.77 -28.98 25.70
C PHE A 127 16.24 -28.53 27.05
N GLY A 128 15.46 -27.49 27.05
CA GLY A 128 14.80 -27.00 28.24
C GLY A 128 13.89 -25.86 27.77
N ALA A 129 13.30 -25.16 28.72
CA ALA A 129 12.40 -24.04 28.41
C ALA A 129 12.90 -22.85 29.20
N ASP A 130 13.46 -21.84 28.51
CA ASP A 130 13.69 -20.55 29.16
C ASP A 130 13.30 -19.44 28.20
N TYR A 131 12.17 -18.82 28.47
CA TYR A 131 11.60 -17.83 27.64
C TYR A 131 11.97 -16.42 28.18
N PRO A 132 12.81 -15.66 27.46
CA PRO A 132 13.34 -14.40 27.93
C PRO A 132 12.35 -13.28 27.82
N ASP A 133 12.38 -12.34 28.75
CA ASP A 133 11.61 -11.11 28.61
C ASP A 133 12.21 -10.06 27.69
N GLU A 134 13.55 -10.10 27.56
CA GLU A 134 14.30 -9.12 26.74
C GLU A 134 14.60 -9.71 25.40
N LEU A 135 14.50 -8.88 24.40
CA LEU A 135 14.71 -9.28 23.02
C LEU A 135 16.11 -9.83 22.75
N LYS A 136 16.18 -10.99 22.11
CA LYS A 136 17.44 -11.63 21.80
C LYS A 136 17.77 -11.55 20.32
N CYS A 137 19.08 -11.55 20.07
CA CYS A 137 19.68 -11.38 18.76
C CYS A 137 20.64 -12.53 18.50
N LEU A 138 20.78 -12.87 17.23
CA LEU A 138 21.73 -13.87 16.75
C LEU A 138 22.24 -13.52 15.39
N ASP A 139 23.58 -13.47 15.25
CA ASP A 139 24.24 -13.35 13.95
C ASP A 139 24.44 -14.73 13.36
N ALA A 140 24.04 -14.90 12.14
CA ALA A 140 24.17 -16.21 11.52
C ALA A 140 24.21 -16.09 10.03
N PRO A 141 24.97 -17.00 9.37
CA PRO A 141 25.06 -16.95 7.95
C PRO A 141 23.98 -17.76 7.22
N VAL A 142 23.66 -17.29 6.04
CA VAL A 142 22.84 -18.01 5.07
C VAL A 142 23.61 -19.23 4.60
N LEU A 143 22.93 -20.37 4.59
CA LEU A 143 23.55 -21.62 4.17
C LEU A 143 23.23 -21.82 2.71
N THR A 144 24.04 -22.64 2.05
CA THR A 144 23.75 -23.03 0.68
C THR A 144 22.45 -23.81 0.64
N GLN A 145 21.78 -23.73 -0.51
CA GLN A 145 20.57 -24.50 -0.66
C GLN A 145 20.81 -26.01 -0.56
N ALA A 146 21.97 -26.44 -0.98
CA ALA A 146 22.35 -27.84 -0.87
C ALA A 146 22.48 -28.32 0.59
N GLU A 147 23.10 -27.54 1.44
CA GLU A 147 23.17 -27.80 2.89
C GLU A 147 21.74 -27.78 3.53
N CYS A 148 20.93 -26.84 3.09
CA CYS A 148 19.55 -26.76 3.52
C CYS A 148 18.76 -28.02 3.20
N LYS A 149 18.80 -28.40 1.93
CA LYS A 149 18.09 -29.58 1.45
C LYS A 149 18.61 -30.86 2.06
N ALA A 150 19.91 -30.94 2.25
CA ALA A 150 20.50 -32.13 2.84
C ALA A 150 20.10 -32.28 4.32
N SER A 151 19.90 -31.16 5.01
CA SER A 151 19.53 -31.19 6.40
C SER A 151 18.06 -31.65 6.57
N TYR A 152 17.20 -31.34 5.59
CA TYR A 152 15.81 -31.68 5.62
C TYR A 152 15.35 -32.28 4.28
N PRO A 153 15.75 -33.51 4.00
CA PRO A 153 15.46 -34.09 2.68
C PRO A 153 13.95 -34.10 2.32
N GLY A 154 13.63 -33.67 1.11
CA GLY A 154 12.27 -33.67 0.66
C GLY A 154 11.42 -32.54 1.22
N LYS A 155 11.92 -31.70 2.12
CA LYS A 155 11.05 -30.74 2.84
C LYS A 155 11.25 -29.27 2.43
N ILE A 156 12.38 -28.96 1.75
CA ILE A 156 12.73 -27.57 1.44
C ILE A 156 12.12 -27.19 0.12
N THR A 157 11.16 -26.28 0.15
CA THR A 157 10.55 -25.79 -1.08
C THR A 157 11.31 -24.56 -1.52
N ASN A 158 10.94 -24.05 -2.68
CA ASN A 158 11.50 -22.80 -3.22
C ASN A 158 11.19 -21.59 -2.33
N SER A 159 10.19 -21.68 -1.46
CA SER A 159 9.88 -20.54 -0.57
C SER A 159 10.79 -20.48 0.64
N MET A 160 11.72 -21.43 0.81
CA MET A 160 12.47 -21.56 2.04
C MET A 160 14.02 -21.41 1.79
N PHE A 161 14.69 -20.96 2.85
CA PHE A 161 16.11 -21.04 2.94
C PHE A 161 16.55 -21.25 4.38
N CYS A 162 17.78 -21.75 4.53
CA CYS A 162 18.37 -22.02 5.82
C CYS A 162 19.39 -20.96 6.22
N VAL A 163 19.34 -20.63 7.51
CA VAL A 163 20.25 -19.71 8.14
C VAL A 163 20.65 -20.33 9.47
N GLY A 164 21.96 -20.37 9.74
CA GLY A 164 22.41 -20.88 11.02
C GLY A 164 23.72 -21.61 10.97
N PHE A 165 23.86 -22.63 11.81
CA PHE A 165 25.09 -23.36 12.06
C PHE A 165 24.86 -24.85 12.11
N LEU A 166 25.45 -25.56 11.14
CA LEU A 166 25.29 -27.02 11.07
C LEU A 166 25.85 -27.72 12.31
N GLU A 167 26.84 -27.13 12.96
CA GLU A 167 27.35 -27.68 14.22
C GLU A 167 26.38 -27.60 15.40
N GLY A 168 25.28 -26.88 15.28
CA GLY A 168 24.31 -26.76 16.35
C GLY A 168 24.72 -25.67 17.31
N GLY A 169 23.85 -25.39 18.30
CA GLY A 169 24.14 -24.40 19.35
C GLY A 169 23.66 -22.99 19.14
N LYS A 170 23.31 -22.62 17.93
CA LYS A 170 22.78 -21.28 17.64
C LYS A 170 21.63 -21.34 16.65
N ASP A 171 20.49 -20.82 17.03
CA ASP A 171 19.26 -20.97 16.18
C ASP A 171 18.16 -20.09 16.73
N SER A 172 17.10 -19.94 15.97
CA SER A 172 15.87 -19.41 16.51
C SER A 172 15.09 -20.58 17.09
N CYS A 173 13.97 -20.30 17.76
CA CYS A 173 13.26 -21.34 18.50
C CYS A 173 11.79 -20.92 18.74
N GLN A 174 11.04 -21.74 19.46
CA GLN A 174 9.60 -21.48 19.65
C GLN A 174 9.44 -20.08 20.33
N ARG A 175 8.45 -19.35 19.83
CA ARG A 175 8.12 -17.96 20.12
C ARG A 175 8.88 -16.95 19.27
N ASP A 176 9.86 -17.43 18.46
CA ASP A 176 10.49 -16.56 17.52
C ASP A 176 9.79 -16.48 16.16
N ALA A 177 8.90 -17.42 15.86
CA ALA A 177 8.31 -17.49 14.57
C ALA A 177 7.67 -16.17 14.17
N GLY A 178 7.80 -15.88 12.87
CA GLY A 178 7.26 -14.67 12.34
C GLY A 178 8.22 -13.53 12.38
N GLY A 179 9.28 -13.64 13.15
CA GLY A 179 10.23 -12.54 13.26
C GLY A 179 11.23 -12.42 12.13
N PRO A 180 12.08 -11.39 12.21
CA PRO A 180 12.92 -11.02 11.09
C PRO A 180 14.22 -11.75 11.02
N VAL A 181 14.65 -11.98 9.76
CA VAL A 181 16.02 -12.24 9.42
C VAL A 181 16.47 -11.08 8.54
N VAL A 182 17.40 -10.27 9.07
CA VAL A 182 17.81 -9.08 8.36
C VAL A 182 19.25 -9.28 7.90
N CYS A 183 19.49 -9.00 6.62
CA CYS A 183 20.81 -9.12 6.02
C CYS A 183 21.00 -7.84 5.22
N ASN A 184 22.12 -7.18 5.42
CA ASN A 184 22.51 -5.97 4.71
C ASN A 184 21.40 -4.95 4.74
N GLY A 185 20.81 -4.74 5.91
CA GLY A 185 19.72 -3.78 6.06
C GLY A 185 18.42 -4.14 5.36
N GLN A 186 18.20 -5.41 5.03
CA GLN A 186 16.97 -5.79 4.31
C GLN A 186 16.36 -6.99 4.99
N LEU A 187 15.03 -7.03 4.99
CA LEU A 187 14.31 -8.18 5.47
C LEU A 187 14.45 -9.35 4.48
N GLN A 188 15.28 -10.34 4.78
CA GLN A 188 15.41 -11.49 3.87
C GLN A 188 14.59 -12.68 4.28
N GLY A 189 14.31 -12.82 5.59
CA GLY A 189 13.63 -14.00 6.06
C GLY A 189 12.60 -13.78 7.14
N VAL A 190 11.67 -14.72 7.20
CA VAL A 190 10.76 -14.82 8.29
C VAL A 190 11.06 -16.10 9.03
N VAL A 191 11.15 -16.03 10.35
CA VAL A 191 11.35 -17.23 11.16
C VAL A 191 10.19 -18.19 10.97
N SER A 192 10.48 -19.42 10.61
CA SER A 192 9.44 -20.39 10.26
C SER A 192 9.57 -21.65 11.08
N TRP A 193 10.51 -22.56 10.75
CA TRP A 193 10.53 -23.86 11.37
C TRP A 193 11.93 -24.46 11.47
N GLY A 194 12.05 -25.60 12.13
CA GLY A 194 13.23 -26.41 12.19
C GLY A 194 12.91 -27.66 12.99
N HIS A 195 13.80 -28.65 13.02
CA HIS A 195 13.60 -29.88 13.78
C HIS A 195 14.36 -29.63 15.06
N GLY A 196 13.60 -29.41 16.13
CA GLY A 196 14.14 -28.87 17.34
C GLY A 196 14.65 -27.44 17.21
N CYS A 197 15.53 -27.04 18.11
CA CYS A 197 16.21 -25.74 18.09
C CYS A 197 17.70 -25.93 18.36
N ALA A 198 18.53 -25.49 17.42
CA ALA A 198 19.97 -25.47 17.55
C ALA A 198 20.56 -26.87 17.64
N TRP A 199 19.85 -27.87 17.10
CA TRP A 199 20.38 -29.23 17.00
C TRP A 199 21.36 -29.31 15.84
N LYS A 200 22.35 -30.19 15.99
CA LYS A 200 23.35 -30.42 14.93
C LYS A 200 22.65 -30.84 13.65
N ASN A 201 23.11 -30.24 12.57
CA ASN A 201 22.57 -30.51 11.25
C ASN A 201 21.07 -30.22 11.06
N ARG A 202 20.45 -29.38 11.89
CA ARG A 202 19.05 -29.07 11.79
C ARG A 202 18.98 -27.57 11.94
N PRO A 203 19.45 -26.84 10.92
CA PRO A 203 19.42 -25.39 11.02
C PRO A 203 18.01 -24.83 10.84
N GLY A 204 17.81 -23.60 11.27
CA GLY A 204 16.54 -22.95 11.09
C GLY A 204 16.21 -22.75 9.59
N VAL A 205 14.93 -22.89 9.27
CA VAL A 205 14.37 -22.75 7.97
C VAL A 205 13.44 -21.52 8.02
N TYR A 206 13.60 -20.69 7.03
CA TYR A 206 13.06 -19.35 7.00
C TYR A 206 12.35 -19.14 5.67
N THR A 207 11.30 -18.33 5.69
CA THR A 207 10.62 -18.03 4.46
C THR A 207 11.42 -16.93 3.72
N LYS A 208 11.64 -17.12 2.43
CA LYS A 208 12.38 -16.25 1.62
C LYS A 208 11.54 -15.03 1.14
N VAL A 209 11.69 -13.94 1.85
CA VAL A 209 10.83 -12.79 1.67
C VAL A 209 10.96 -12.24 0.23
N TYR A 210 12.14 -12.33 -0.34
CA TYR A 210 12.33 -11.88 -1.69
C TYR A 210 11.30 -12.46 -2.68
N ASN A 211 10.94 -13.72 -2.52
CA ASN A 211 9.99 -14.35 -3.40
C ASN A 211 8.58 -13.78 -3.36
N TYR A 212 8.29 -12.93 -2.38
CA TYR A 212 6.97 -12.43 -2.05
C TYR A 212 6.86 -10.90 -2.17
N VAL A 213 7.90 -10.23 -2.68
CA VAL A 213 7.89 -8.78 -2.72
C VAL A 213 6.72 -8.28 -3.55
N ASP A 214 6.48 -8.88 -4.69
CA ASP A 214 5.34 -8.53 -5.53
C ASP A 214 3.99 -8.81 -4.87
N TRP A 215 3.83 -9.98 -4.25
CA TRP A 215 2.62 -10.29 -3.50
C TRP A 215 2.38 -9.26 -2.36
N ILE A 216 3.44 -8.87 -1.67
CA ILE A 216 3.36 -7.89 -0.58
C ILE A 216 2.83 -6.55 -1.11
N LYS A 217 3.44 -6.06 -2.16
CA LYS A 217 3.01 -4.81 -2.76
C LYS A 217 1.59 -4.91 -3.32
N ASP A 218 1.23 -6.01 -3.98
CA ASP A 218 -0.13 -6.16 -4.49
C ASP A 218 -1.14 -6.17 -3.34
N THR A 219 -0.86 -6.93 -2.27
CA THR A 219 -1.74 -7.00 -1.13
C THR A 219 -1.91 -5.66 -0.43
N ILE A 220 -0.81 -4.94 -0.21
CA ILE A 220 -0.87 -3.63 0.41
C ILE A 220 -1.73 -2.67 -0.46
N ALA A 221 -1.49 -2.67 -1.77
CA ALA A 221 -2.19 -1.78 -2.66
C ALA A 221 -3.67 -2.12 -2.72
N ALA A 222 -3.97 -3.40 -2.74
CA ALA A 222 -5.36 -3.85 -2.85
C ALA A 222 -6.11 -3.59 -1.52
N ASN A 223 -5.39 -3.38 -0.42
CA ASN A 223 -6.04 -3.16 0.84
C ASN A 223 -5.80 -1.76 1.38
N SER A 224 -5.63 -0.79 0.48
N SER A 224 -5.64 -0.79 0.48
CA SER A 224 -5.29 0.58 0.84
CA SER A 224 -5.30 0.59 0.83
C SER A 224 -6.50 1.53 0.55
C SER A 224 -6.52 1.51 0.52
N MET B 13 -6.33 -46.38 29.28
CA MET B 13 -5.94 -45.00 28.76
C MET B 13 -6.09 -44.87 27.24
N HIS B 14 -6.60 -43.71 26.75
CA HIS B 14 -6.45 -43.39 25.30
C HIS B 14 -4.98 -43.38 25.01
N SER B 15 -4.55 -44.14 24.01
CA SER B 15 -3.16 -44.17 23.60
C SER B 15 -2.44 -42.85 23.55
N PHE B 16 -3.11 -41.82 22.98
CA PHE B 16 -2.42 -40.54 22.77
C PHE B 16 -2.05 -39.87 24.08
N CYS B 17 -2.70 -40.24 25.18
CA CYS B 17 -2.29 -39.72 26.49
C CYS B 17 -0.86 -40.09 26.83
N ALA B 18 -0.34 -41.17 26.24
CA ALA B 18 1.02 -41.60 26.44
C ALA B 18 1.97 -41.19 25.32
N PHE B 19 1.60 -40.20 24.49
CA PHE B 19 2.55 -39.71 23.53
C PHE B 19 3.39 -38.65 24.25
N LYS B 20 4.65 -38.57 23.86
CA LYS B 20 5.52 -37.51 24.32
C LYS B 20 4.97 -36.22 23.76
N ALA B 21 4.87 -35.21 24.60
CA ALA B 21 4.50 -33.88 24.19
C ALA B 21 5.41 -33.45 23.02
N ASP B 22 4.82 -32.85 22.00
CA ASP B 22 5.58 -32.53 20.81
C ASP B 22 5.20 -31.10 20.42
N ASP B 23 6.17 -30.21 20.52
CA ASP B 23 5.94 -28.86 20.06
C ASP B 23 5.92 -28.70 18.56
N GLY B 24 6.40 -29.73 17.82
CA GLY B 24 6.40 -29.71 16.38
C GLY B 24 7.49 -28.81 15.86
N PRO B 25 7.58 -28.70 14.56
CA PRO B 25 8.72 -27.97 13.93
C PRO B 25 8.53 -26.46 13.80
N CYS B 26 7.28 -26.00 13.84
CA CYS B 26 6.98 -24.60 13.74
C CYS B 26 7.40 -23.89 15.01
N ARG B 27 7.57 -22.59 14.89
CA ARG B 27 8.25 -21.79 15.96
C ARG B 27 7.41 -20.72 16.62
N ALA B 28 6.09 -20.90 16.59
CA ALA B 28 5.24 -20.12 17.43
C ALA B 28 5.26 -20.65 18.86
N CYS B 29 4.67 -19.90 19.78
CA CYS B 29 4.34 -20.39 21.12
C CYS B 29 2.83 -20.25 21.32
N MET B 30 2.10 -21.23 20.86
CA MET B 30 0.65 -21.30 21.09
C MET B 30 0.46 -22.10 22.39
N LYS B 31 -0.12 -21.50 23.40
CA LYS B 31 -0.30 -22.19 24.69
C LYS B 31 -1.26 -23.37 24.54
N ARG B 32 -0.76 -24.55 24.87
CA ARG B 32 -1.53 -25.78 24.86
C ARG B 32 -1.22 -26.59 26.10
N PHE B 33 -1.97 -27.66 26.28
CA PHE B 33 -1.74 -28.55 27.40
C PHE B 33 -1.51 -29.93 26.89
N PHE B 34 -0.66 -30.66 27.59
CA PHE B 34 -0.45 -32.05 27.35
C PHE B 34 -0.55 -32.79 28.66
N PHE B 35 -0.77 -34.10 28.53
CA PHE B 35 -0.81 -35.03 29.63
C PHE B 35 0.56 -35.58 29.84
N ASN B 36 1.10 -35.31 31.02
CA ASN B 36 2.41 -35.75 31.42
C ASN B 36 2.26 -37.09 32.13
N ILE B 37 2.72 -38.17 31.49
CA ILE B 37 2.61 -39.54 32.04
C ILE B 37 3.46 -39.72 33.28
N PHE B 38 4.56 -38.98 33.43
CA PHE B 38 5.38 -39.10 34.66
C PHE B 38 4.71 -38.47 35.91
N THR B 39 4.18 -37.29 35.73
CA THR B 39 3.45 -36.65 36.80
C THR B 39 1.93 -36.93 36.85
N ARG B 40 1.31 -37.64 35.88
CA ARG B 40 -0.14 -37.86 35.86
C ARG B 40 -0.93 -36.55 36.00
N GLN B 41 -0.39 -35.49 35.42
CA GLN B 41 -1.01 -34.19 35.49
C GLN B 41 -0.91 -33.53 34.12
N CYS B 42 -1.81 -32.60 33.86
CA CYS B 42 -1.80 -31.88 32.62
C CYS B 42 -0.87 -30.68 32.80
N GLU B 43 -0.03 -30.39 31.81
CA GLU B 43 0.91 -29.30 31.92
C GLU B 43 0.86 -28.42 30.66
N GLU B 44 1.15 -27.14 30.85
CA GLU B 44 1.13 -26.16 29.79
C GLU B 44 2.44 -26.33 28.96
N PHE B 45 2.36 -26.16 27.63
CA PHE B 45 3.55 -26.07 26.79
C PHE B 45 3.33 -25.15 25.60
N CYS B 46 4.46 -24.75 24.97
CA CYS B 46 4.45 -23.95 23.76
C CYS B 46 4.35 -24.91 22.61
N TYR B 47 3.19 -24.94 22.00
CA TYR B 47 3.03 -25.69 20.78
C TYR B 47 3.46 -24.76 19.65
N GLY B 48 4.22 -25.26 18.73
CA GLY B 48 4.81 -24.41 17.69
C GLY B 48 3.86 -23.95 16.60
N GLY B 49 2.68 -24.63 16.49
CA GLY B 49 1.63 -24.26 15.56
C GLY B 49 1.39 -25.17 14.40
N CYS B 50 2.12 -26.26 14.31
CA CYS B 50 1.93 -27.23 13.25
C CYS B 50 2.42 -28.61 13.67
N GLU B 51 1.91 -29.64 13.01
CA GLU B 51 2.31 -31.02 13.24
C GLU B 51 2.10 -31.40 14.75
N GLY B 52 3.04 -32.03 15.48
CA GLY B 52 2.76 -32.40 16.84
C GLY B 52 1.98 -33.70 16.83
N ASN B 53 1.36 -34.02 17.94
CA ASN B 53 0.55 -35.24 18.03
C ASN B 53 -0.66 -34.94 18.87
N GLN B 54 -1.54 -35.94 19.03
CA GLN B 54 -2.84 -35.69 19.65
C GLN B 54 -2.75 -35.54 21.20
N ASN B 55 -1.56 -35.62 21.78
CA ASN B 55 -1.47 -35.33 23.19
C ASN B 55 -1.32 -33.80 23.27
N ARG B 56 -2.33 -33.09 22.79
CA ARG B 56 -2.33 -31.64 22.79
C ARG B 56 -3.78 -31.16 23.01
N PHE B 57 -4.00 -30.25 23.96
CA PHE B 57 -5.36 -29.75 24.27
C PHE B 57 -5.35 -28.25 24.53
N GLU B 58 -6.46 -27.59 24.20
CA GLU B 58 -6.59 -26.14 24.42
C GLU B 58 -6.73 -25.74 25.87
N SER B 59 -7.27 -26.61 26.71
CA SER B 59 -7.54 -26.25 28.08
C SER B 59 -7.10 -27.38 29.00
N LEU B 60 -6.85 -27.07 30.26
CA LEU B 60 -6.55 -28.13 31.19
C LEU B 60 -7.76 -29.09 31.27
N GLU B 61 -9.00 -28.59 31.28
CA GLU B 61 -10.15 -29.48 31.38
C GLU B 61 -10.22 -30.49 30.26
N GLU B 62 -9.98 -30.10 29.02
CA GLU B 62 -10.00 -31.10 27.95
C GLU B 62 -8.93 -32.15 28.21
N CYS B 63 -7.72 -31.76 28.62
CA CYS B 63 -6.69 -32.72 28.92
C CYS B 63 -7.12 -33.60 30.10
N LYS B 64 -7.71 -33.01 31.13
CA LYS B 64 -8.18 -33.80 32.30
C LYS B 64 -9.30 -34.78 31.90
N LYS B 65 -10.28 -34.33 31.09
CA LYS B 65 -11.34 -35.20 30.56
C LYS B 65 -10.84 -36.34 29.69
N MET B 66 -9.91 -36.05 28.76
CA MET B 66 -9.41 -37.08 27.85
C MET B 66 -8.43 -38.06 28.49
N CYS B 67 -7.80 -37.70 29.61
CA CYS B 67 -6.69 -38.46 30.16
C CYS B 67 -6.82 -38.62 31.68
N ILE C 1 -16.76 18.23 -20.78
CA ILE C 1 -17.12 17.21 -21.80
C ILE C 1 -17.98 17.91 -22.84
N VAL C 2 -17.50 17.89 -24.10
CA VAL C 2 -18.24 18.47 -25.24
C VAL C 2 -18.92 17.31 -25.96
N GLY C 3 -20.20 17.49 -26.28
CA GLY C 3 -20.97 16.54 -27.09
C GLY C 3 -21.34 15.26 -26.36
N GLY C 4 -21.35 15.32 -25.02
CA GLY C 4 -21.62 14.19 -24.18
C GLY C 4 -23.08 14.24 -23.74
N TYR C 5 -23.31 13.62 -22.58
CA TYR C 5 -24.61 13.62 -21.93
C TYR C 5 -24.39 13.72 -20.47
N THR C 6 -25.44 14.04 -19.72
CA THR C 6 -25.32 14.05 -18.24
C THR C 6 -25.34 12.63 -17.69
N CYS C 7 -24.32 12.32 -16.89
CA CYS C 7 -24.22 11.03 -16.26
C CYS C 7 -25.43 10.90 -15.34
N GLU C 8 -25.91 9.67 -15.27
CA GLU C 8 -26.89 9.34 -14.23
C GLU C 8 -26.26 9.58 -12.87
N GLU C 9 -27.02 10.14 -11.96
CA GLU C 9 -26.54 10.55 -10.63
C GLU C 9 -25.89 9.41 -9.89
N ASN C 10 -24.63 9.63 -9.52
CA ASN C 10 -23.85 8.66 -8.78
C ASN C 10 -23.63 7.32 -9.53
N SER C 11 -23.72 7.34 -10.85
CA SER C 11 -23.47 6.15 -11.65
C SER C 11 -21.96 5.95 -11.85
N LEU C 12 -21.15 6.95 -11.54
CA LEU C 12 -19.70 6.87 -11.55
C LEU C 12 -19.16 7.17 -10.15
N PRO C 13 -19.31 6.21 -9.23
CA PRO C 13 -18.88 6.49 -7.82
C PRO C 13 -17.39 6.66 -7.61
N TYR C 14 -16.61 6.30 -8.61
CA TYR C 14 -15.17 6.48 -8.61
C TYR C 14 -14.78 7.89 -9.04
N GLN C 15 -15.72 8.70 -9.53
CA GLN C 15 -15.35 10.02 -10.02
C GLN C 15 -15.21 10.97 -8.88
N VAL C 16 -14.07 11.63 -8.77
CA VAL C 16 -13.84 12.64 -7.75
C VAL C 16 -13.47 13.98 -8.40
N SER C 17 -13.55 15.01 -7.60
CA SER C 17 -13.02 16.30 -8.00
C SER C 17 -11.91 16.81 -7.09
N LEU C 18 -11.00 17.60 -7.68
CA LEU C 18 -9.92 18.26 -6.99
C LEU C 18 -10.28 19.70 -6.81
N ASN C 19 -10.15 20.19 -5.58
CA ASN C 19 -10.60 21.48 -5.23
C ASN C 19 -9.56 22.29 -4.49
N SER C 20 -9.45 23.55 -4.88
CA SER C 20 -8.60 24.50 -4.18
C SER C 20 -9.17 25.90 -4.39
N GLY C 21 -10.18 26.27 -3.65
CA GLY C 21 -10.92 27.48 -3.95
C GLY C 21 -12.02 27.22 -4.96
N SER C 22 -11.76 26.44 -5.97
CA SER C 22 -12.72 25.99 -6.94
C SER C 22 -12.48 24.57 -7.34
N HIS C 23 -13.43 24.00 -8.07
CA HIS C 23 -13.20 22.74 -8.82
C HIS C 23 -12.26 23.05 -9.97
N PHE C 24 -11.11 22.38 -10.03
CA PHE C 24 -10.09 22.68 -11.03
C PHE C 24 -9.65 21.46 -11.85
N CYS C 25 -9.94 20.24 -11.36
CA CYS C 25 -9.63 19.00 -12.04
C CYS C 25 -10.47 17.89 -11.49
N GLY C 26 -10.43 16.76 -12.18
CA GLY C 26 -11.05 15.52 -11.77
C GLY C 26 -9.98 14.56 -11.30
N GLY C 27 -10.49 13.42 -10.89
CA GLY C 27 -9.69 12.29 -10.47
C GLY C 27 -10.56 11.06 -10.32
N SER C 28 -9.90 9.95 -10.01
CA SER C 28 -10.48 8.63 -9.92
C SER C 28 -10.01 7.98 -8.62
N LEU C 29 -10.99 7.53 -7.82
CA LEU C 29 -10.72 6.78 -6.62
C LEU C 29 -10.35 5.35 -6.97
N ILE C 30 -9.10 5.00 -6.69
CA ILE C 30 -8.61 3.65 -6.99
C ILE C 30 -8.46 2.73 -5.82
N SER C 31 -8.44 3.28 -4.63
CA SER C 31 -8.47 2.45 -3.43
C SER C 31 -9.17 3.33 -2.38
N GLU C 32 -9.32 2.83 -1.16
CA GLU C 32 -9.95 3.61 -0.14
C GLU C 32 -9.29 4.93 0.10
N GLN C 33 -7.97 4.94 0.04
CA GLN C 33 -7.25 6.15 0.42
C GLN C 33 -6.47 6.78 -0.71
N TRP C 34 -6.64 6.31 -1.93
CA TRP C 34 -5.87 6.83 -3.03
C TRP C 34 -6.65 7.19 -4.27
N VAL C 35 -6.23 8.29 -4.87
CA VAL C 35 -6.83 8.89 -6.06
C VAL C 35 -5.75 9.03 -7.12
N VAL C 36 -6.07 8.66 -8.36
CA VAL C 36 -5.25 8.97 -9.55
C VAL C 36 -5.77 10.21 -10.24
N SER C 37 -4.84 11.11 -10.60
CA SER C 37 -5.17 12.29 -11.42
C SER C 37 -4.05 12.57 -12.39
N ALA C 38 -4.05 13.75 -13.00
CA ALA C 38 -2.99 14.12 -13.91
C ALA C 38 -1.98 14.94 -13.16
N ALA C 39 -0.70 14.81 -13.53
CA ALA C 39 0.33 15.59 -12.90
C ALA C 39 0.18 17.10 -13.10
N HIS C 40 -0.41 17.50 -14.23
CA HIS C 40 -0.56 18.95 -14.48
C HIS C 40 -1.67 19.55 -13.64
N CYS C 41 -2.42 18.72 -12.87
CA CYS C 41 -3.32 19.18 -11.85
C CYS C 41 -2.66 19.38 -10.52
N TYR C 42 -1.34 19.24 -10.45
CA TYR C 42 -0.65 19.40 -9.18
C TYR C 42 -0.87 20.76 -8.54
N LYS C 43 -1.20 20.72 -7.24
CA LYS C 43 -1.13 21.85 -6.36
C LYS C 43 -0.69 21.30 -5.01
N THR C 44 -0.16 22.21 -4.21
CA THR C 44 0.43 21.80 -2.94
C THR C 44 -0.64 21.47 -1.87
N ARG C 45 -1.81 22.09 -1.99
CA ARG C 45 -2.94 21.84 -1.06
C ARG C 45 -4.17 21.46 -1.93
N ILE C 46 -4.78 20.32 -1.67
CA ILE C 46 -5.94 19.92 -2.45
C ILE C 46 -7.00 19.31 -1.52
N GLN C 47 -8.25 19.75 -1.67
CA GLN C 47 -9.41 19.06 -1.13
C GLN C 47 -10.05 18.17 -2.17
N VAL C 48 -10.12 16.88 -1.88
CA VAL C 48 -10.79 15.95 -2.75
C VAL C 48 -12.27 15.90 -2.36
N ARG C 49 -13.13 15.97 -3.36
CA ARG C 49 -14.55 15.76 -3.15
C ARG C 49 -15.04 14.51 -3.83
N LEU C 50 -15.79 13.72 -3.09
CA LEU C 50 -16.26 12.43 -3.58
C LEU C 50 -17.75 12.33 -3.39
N GLY C 51 -18.38 11.48 -4.20
CA GLY C 51 -19.80 11.31 -4.21
C GLY C 51 -20.58 12.44 -4.82
N GLU C 52 -19.96 13.30 -5.60
CA GLU C 52 -20.69 14.47 -6.13
C GLU C 52 -21.49 14.10 -7.38
N HIS C 53 -22.57 14.80 -7.61
CA HIS C 53 -23.18 14.84 -8.88
C HIS C 53 -23.23 16.31 -9.37
N ASN C 54 -24.00 17.13 -8.69
CA ASN C 54 -24.05 18.55 -8.92
C ASN C 54 -23.08 19.21 -7.94
N ILE C 55 -22.03 19.80 -8.48
CA ILE C 55 -20.97 20.34 -7.64
C ILE C 55 -21.36 21.57 -6.88
N LYS C 56 -22.40 22.30 -7.32
CA LYS C 56 -22.88 23.48 -6.63
C LYS C 56 -24.04 23.17 -5.67
N VAL C 57 -24.92 22.22 -6.00
CA VAL C 57 -26.06 21.91 -5.12
C VAL C 57 -25.74 20.61 -4.36
N LEU C 58 -25.15 20.78 -3.18
CA LEU C 58 -24.70 19.66 -2.41
C LEU C 58 -25.83 18.91 -1.70
N GLU C 59 -26.04 17.66 -2.08
CA GLU C 59 -27.05 16.82 -1.48
C GLU C 59 -26.84 16.48 0.01
N GLY C 60 -25.61 16.51 0.53
CA GLY C 60 -25.33 16.12 1.90
C GLY C 60 -24.68 14.74 2.03
N ASN C 61 -24.78 13.85 1.05
CA ASN C 61 -24.06 12.60 1.11
C ASN C 61 -22.59 12.65 0.56
N GLU C 62 -22.05 13.80 0.13
CA GLU C 62 -20.71 13.91 -0.40
C GLU C 62 -19.62 13.81 0.67
N GLN C 63 -18.41 13.46 0.26
CA GLN C 63 -17.29 13.37 1.21
C GLN C 63 -16.22 14.38 0.78
N PHE C 64 -15.68 15.11 1.73
CA PHE C 64 -14.67 16.14 1.47
C PHE C 64 -13.47 15.70 2.28
N ILE C 65 -12.36 15.40 1.63
CA ILE C 65 -11.18 14.88 2.33
C ILE C 65 -9.91 15.53 1.78
N ASN C 66 -9.10 16.09 2.66
CA ASN C 66 -7.87 16.73 2.24
C ASN C 66 -6.85 15.74 1.73
N ALA C 67 -6.09 16.15 0.75
CA ALA C 67 -4.93 15.35 0.31
C ALA C 67 -3.87 15.44 1.39
N ALA C 68 -3.41 14.29 1.88
CA ALA C 68 -2.22 14.22 2.73
C ALA C 68 -0.89 14.20 1.96
N LYS C 69 -0.86 13.52 0.83
CA LYS C 69 0.39 13.44 -0.01
C LYS C 69 -0.05 13.51 -1.44
N ILE C 70 0.73 14.21 -2.24
CA ILE C 70 0.35 14.53 -3.62
C ILE C 70 1.63 14.26 -4.41
N ILE C 71 1.64 13.21 -5.22
CA ILE C 71 2.87 12.65 -5.76
C ILE C 71 2.78 12.56 -7.27
N ARG C 72 3.49 13.46 -7.93
CA ARG C 72 3.57 13.40 -9.40
C ARG C 72 4.50 12.32 -9.79
N HIS C 73 4.26 11.73 -10.96
CA HIS C 73 5.25 10.80 -11.54
C HIS C 73 6.58 11.51 -11.57
N PRO C 74 7.66 10.84 -11.14
CA PRO C 74 8.93 11.55 -11.09
C PRO C 74 9.54 11.90 -12.48
N LYS C 75 9.03 11.31 -13.55
CA LYS C 75 9.44 11.63 -14.92
C LYS C 75 8.41 12.47 -15.63
N TYR C 76 7.45 13.03 -14.92
CA TYR C 76 6.54 14.00 -15.50
C TYR C 76 7.31 15.17 -16.04
N ASN C 77 6.96 15.63 -17.25
CA ASN C 77 7.66 16.80 -17.85
C ASN C 77 6.54 17.73 -18.30
N ARG C 78 6.53 18.96 -17.76
CA ARG C 78 5.51 19.97 -18.09
C ARG C 78 5.50 20.44 -19.56
N ASP C 79 6.60 20.35 -20.28
CA ASP C 79 6.68 20.83 -21.68
C ASP C 79 6.20 19.76 -22.68
N THR C 80 6.61 18.50 -22.50
CA THR C 80 6.23 17.40 -23.41
C THR C 80 4.95 16.72 -22.97
N LEU C 81 4.57 16.96 -21.71
CA LEU C 81 3.46 16.24 -21.04
C LEU C 81 3.64 14.76 -20.90
N ASP C 82 4.85 14.30 -21.01
CA ASP C 82 5.15 12.91 -20.84
C ASP C 82 4.84 12.55 -19.33
N ASN C 83 4.31 11.37 -19.12
CA ASN C 83 4.07 10.81 -17.76
C ASN C 83 3.13 11.69 -16.96
N ASP C 84 2.01 12.14 -17.58
CA ASP C 84 1.13 13.09 -16.95
C ASP C 84 0.17 12.34 -16.01
N ILE C 85 0.71 11.94 -14.86
CA ILE C 85 -0.07 11.15 -13.92
C ILE C 85 0.44 11.48 -12.52
N MET C 86 -0.46 11.40 -11.56
CA MET C 86 -0.19 11.82 -10.17
C MET C 86 -1.09 11.06 -9.22
N LEU C 87 -0.54 10.75 -8.05
CA LEU C 87 -1.32 10.04 -7.03
C LEU C 87 -1.56 10.94 -5.86
N ILE C 88 -2.76 10.86 -5.33
CA ILE C 88 -3.15 11.58 -4.12
C ILE C 88 -3.48 10.59 -3.03
N LYS C 89 -2.82 10.71 -1.87
CA LYS C 89 -3.17 9.93 -0.68
C LYS C 89 -4.06 10.86 0.15
N LEU C 90 -5.30 10.43 0.35
CA LEU C 90 -6.28 11.12 1.15
C LEU C 90 -5.85 11.05 2.59
N SER C 91 -6.18 12.09 3.37
CA SER C 91 -5.71 12.08 4.76
C SER C 91 -6.44 11.07 5.60
N SER C 92 -7.65 10.67 5.21
CA SER C 92 -8.28 9.49 5.78
C SER C 92 -8.91 8.66 4.65
N PRO C 93 -9.09 7.36 4.88
CA PRO C 93 -9.79 6.55 3.88
C PRO C 93 -11.16 7.10 3.60
N ALA C 94 -11.58 7.20 2.33
CA ALA C 94 -12.97 7.43 2.01
C ALA C 94 -13.89 6.32 2.56
N VAL C 95 -15.15 6.68 2.87
CA VAL C 95 -16.12 5.71 3.31
C VAL C 95 -16.74 5.15 2.04
N ILE C 96 -16.60 3.86 1.82
CA ILE C 96 -17.07 3.20 0.62
C ILE C 96 -18.59 2.92 0.76
N ASN C 97 -19.39 3.42 -0.18
CA ASN C 97 -20.84 3.21 -0.13
C ASN C 97 -21.35 3.17 -1.57
N ALA C 98 -22.67 3.18 -1.78
CA ALA C 98 -23.24 3.14 -3.13
C ALA C 98 -22.77 4.30 -4.00
N ARG C 99 -22.39 5.44 -3.41
CA ARG C 99 -22.00 6.62 -4.21
C ARG C 99 -20.50 6.91 -4.28
N VAL C 100 -19.71 6.20 -3.49
CA VAL C 100 -18.29 6.43 -3.41
C VAL C 100 -17.65 5.05 -3.35
N SER C 101 -16.98 4.67 -4.43
CA SER C 101 -16.30 3.36 -4.48
C SER C 101 -15.26 3.43 -5.57
N THR C 102 -14.45 2.39 -5.64
CA THR C 102 -13.26 2.44 -6.41
C THR C 102 -13.44 1.96 -7.81
N ILE C 103 -12.51 2.33 -8.66
CA ILE C 103 -12.42 1.79 -10.03
C ILE C 103 -11.19 0.89 -10.12
N SER C 104 -11.35 -0.27 -10.71
CA SER C 104 -10.25 -1.22 -10.92
C SER C 104 -9.16 -0.69 -11.85
N LEU C 105 -7.92 -0.96 -11.45
CA LEU C 105 -6.75 -0.75 -12.32
C LEU C 105 -6.79 -1.67 -13.52
N PRO C 106 -6.15 -1.29 -14.64
CA PRO C 106 -6.24 -2.08 -15.85
C PRO C 106 -5.31 -3.24 -15.82
N THR C 107 -5.76 -4.38 -16.35
CA THR C 107 -4.96 -5.58 -16.44
C THR C 107 -4.40 -5.77 -17.84
N ALA C 108 -4.78 -4.91 -18.81
CA ALA C 108 -4.23 -4.96 -20.13
C ALA C 108 -4.35 -3.56 -20.68
N PRO C 109 -3.49 -3.18 -21.63
CA PRO C 109 -3.53 -1.84 -22.23
C PRO C 109 -4.76 -1.67 -23.08
N PRO C 110 -5.18 -0.42 -23.33
CA PRO C 110 -6.38 -0.22 -24.11
C PRO C 110 -6.20 -0.64 -25.59
N ALA C 111 -7.13 -1.37 -26.16
CA ALA C 111 -6.99 -1.81 -27.54
C ALA C 111 -7.78 -0.82 -28.43
N ALA C 112 -7.19 -0.49 -29.57
CA ALA C 112 -7.85 0.34 -30.59
C ALA C 112 -9.28 -0.15 -30.86
N GLY C 113 -10.26 0.74 -30.80
CA GLY C 113 -11.63 0.39 -31.10
C GLY C 113 -12.42 0.08 -29.85
N THR C 114 -11.78 -0.09 -28.69
CA THR C 114 -12.48 -0.39 -27.47
C THR C 114 -13.28 0.84 -27.07
N GLU C 115 -14.53 0.62 -26.66
CA GLU C 115 -15.39 1.71 -26.20
C GLU C 115 -15.08 2.08 -24.77
N CYS C 116 -14.85 3.37 -24.52
CA CYS C 116 -14.59 3.85 -23.21
C CYS C 116 -15.59 4.90 -22.75
N LEU C 117 -15.57 5.19 -21.46
CA LEU C 117 -16.40 6.21 -20.88
C LEU C 117 -15.49 7.28 -20.27
N ILE C 118 -15.65 8.51 -20.72
CA ILE C 118 -14.89 9.68 -20.24
C ILE C 118 -15.85 10.58 -19.51
N SER C 119 -15.43 11.15 -18.38
CA SER C 119 -16.33 11.93 -17.55
C SER C 119 -15.68 13.11 -16.86
N GLY C 120 -16.48 14.13 -16.54
CA GLY C 120 -16.02 15.27 -15.74
C GLY C 120 -16.96 16.47 -15.83
N TRP C 121 -16.52 17.52 -15.11
CA TRP C 121 -17.20 18.75 -15.05
C TRP C 121 -16.59 19.85 -15.97
N GLY C 122 -16.01 19.44 -17.07
CA GLY C 122 -15.31 20.37 -17.95
C GLY C 122 -16.24 21.11 -18.86
N ASN C 123 -15.67 22.06 -19.57
CA ASN C 123 -16.36 22.89 -20.52
C ASN C 123 -17.13 22.00 -21.52
N THR C 124 -18.34 22.44 -21.85
CA THR C 124 -19.19 21.70 -22.76
C THR C 124 -19.20 22.30 -24.16
N LEU C 125 -18.47 23.41 -24.38
CA LEU C 125 -18.43 24.07 -25.69
C LEU C 125 -17.03 24.03 -26.32
N SER C 126 -16.99 23.81 -27.63
CA SER C 126 -15.72 23.89 -28.37
C SER C 126 -15.25 25.33 -28.57
N PHE C 127 -16.19 26.25 -28.73
CA PHE C 127 -15.91 27.65 -29.04
C PHE C 127 -16.77 28.55 -28.18
N GLY C 128 -16.72 28.33 -26.89
CA GLY C 128 -17.36 29.17 -25.91
C GLY C 128 -17.00 28.60 -24.55
N ALA C 129 -17.58 29.15 -23.49
CA ALA C 129 -17.31 28.69 -22.14
C ALA C 129 -18.63 28.37 -21.48
N ASP C 130 -18.88 27.08 -21.24
CA ASP C 130 -19.98 26.70 -20.39
C ASP C 130 -19.63 25.55 -19.50
N TYR C 131 -19.43 25.86 -18.24
CA TYR C 131 -18.95 24.92 -17.27
C TYR C 131 -20.14 24.37 -16.47
N PRO C 132 -20.48 23.09 -16.63
CA PRO C 132 -21.72 22.52 -16.06
C PRO C 132 -21.53 22.20 -14.61
N ASP C 133 -22.62 22.31 -13.85
CA ASP C 133 -22.62 21.85 -12.46
C ASP C 133 -22.76 20.33 -12.27
N GLU C 134 -23.41 19.68 -13.24
CA GLU C 134 -23.71 18.24 -13.19
C GLU C 134 -22.69 17.50 -14.02
N LEU C 135 -22.31 16.34 -13.48
CA LEU C 135 -21.30 15.52 -14.11
C LEU C 135 -21.67 15.05 -15.50
N LYS C 136 -20.76 15.22 -16.45
CA LYS C 136 -20.99 14.79 -17.82
C LYS C 136 -20.17 13.58 -18.21
N CYS C 137 -20.74 12.84 -19.16
CA CYS C 137 -20.27 11.57 -19.63
C CYS C 137 -20.12 11.62 -21.15
N LEU C 138 -19.20 10.81 -21.68
CA LEU C 138 -18.98 10.65 -23.11
C LEU C 138 -18.48 9.25 -23.40
N ASP C 139 -19.17 8.56 -24.30
CA ASP C 139 -18.69 7.30 -24.87
C ASP C 139 -17.84 7.56 -26.07
N ALA C 140 -16.68 6.96 -26.09
CA ALA C 140 -15.77 7.19 -27.21
C ALA C 140 -14.81 6.06 -27.35
N PRO C 141 -14.39 5.81 -28.60
CA PRO C 141 -13.47 4.70 -28.83
C PRO C 141 -12.01 5.15 -28.75
N VAL C 142 -11.18 4.19 -28.33
CA VAL C 142 -9.75 4.31 -28.42
C VAL C 142 -9.33 4.31 -29.89
N LEU C 143 -8.45 5.24 -30.25
CA LEU C 143 -8.01 5.37 -31.63
C LEU C 143 -6.72 4.61 -31.77
N THR C 144 -6.36 4.27 -33.00
CA THR C 144 -5.07 3.66 -33.24
C THR C 144 -3.97 4.66 -32.92
N GLN C 145 -2.81 4.13 -32.56
CA GLN C 145 -1.69 5.01 -32.29
C GLN C 145 -1.27 5.80 -33.56
N ALA C 146 -1.48 5.24 -34.72
CA ALA C 146 -1.21 5.92 -35.96
C ALA C 146 -2.11 7.16 -36.21
N GLU C 147 -3.40 7.04 -35.92
CA GLU C 147 -4.35 8.14 -35.96
C GLU C 147 -3.98 9.22 -34.89
N CYS C 148 -3.58 8.75 -33.73
CA CYS C 148 -3.15 9.62 -32.66
C CYS C 148 -1.92 10.44 -33.06
N LYS C 149 -0.91 9.77 -33.55
CA LYS C 149 0.33 10.39 -33.98
C LYS C 149 0.17 11.27 -35.19
N ALA C 150 -0.71 10.90 -36.10
CA ALA C 150 -0.98 11.73 -37.26
C ALA C 150 -1.68 13.06 -36.84
N SER C 151 -2.49 12.98 -35.80
CA SER C 151 -3.21 14.15 -35.32
C SER C 151 -2.26 15.14 -34.61
N TYR C 152 -1.22 14.61 -33.96
CA TYR C 152 -0.26 15.37 -33.20
C TYR C 152 1.17 14.93 -33.53
N PRO C 153 1.67 15.29 -34.70
CA PRO C 153 2.99 14.80 -35.07
C PRO C 153 4.11 15.18 -34.11
N GLY C 154 4.95 14.20 -33.76
CA GLY C 154 6.07 14.42 -32.87
C GLY C 154 5.66 14.55 -31.38
N LYS C 155 4.40 14.54 -31.02
CA LYS C 155 4.02 14.90 -29.65
C LYS C 155 3.52 13.75 -28.77
N ILE C 156 3.19 12.61 -29.39
CA ILE C 156 2.60 11.47 -28.66
C ILE C 156 3.73 10.58 -28.16
N THR C 157 3.89 10.53 -26.85
CA THR C 157 4.89 9.68 -26.25
C THR C 157 4.27 8.34 -25.94
N ASN C 158 5.11 7.40 -25.50
CA ASN C 158 4.72 6.11 -24.96
C ASN C 158 3.69 6.14 -23.88
N SER C 159 3.61 7.24 -23.13
CA SER C 159 2.68 7.35 -22.01
C SER C 159 1.30 7.76 -22.43
N MET C 160 1.08 8.02 -23.72
CA MET C 160 -0.19 8.63 -24.18
C MET C 160 -0.96 7.76 -25.17
N PHE C 161 -2.28 7.95 -25.15
CA PHE C 161 -3.12 7.42 -26.21
C PHE C 161 -4.27 8.38 -26.47
N CYS C 162 -4.87 8.21 -27.64
CA CYS C 162 -6.01 9.02 -28.06
C CYS C 162 -7.31 8.27 -27.97
N VAL C 163 -8.31 9.01 -27.54
CA VAL C 163 -9.68 8.51 -27.43
C VAL C 163 -10.57 9.63 -27.96
N GLY C 164 -11.48 9.28 -28.87
CA GLY C 164 -12.41 10.26 -29.37
C GLY C 164 -12.76 10.08 -30.81
N PHE C 165 -12.99 11.20 -31.52
CA PHE C 165 -13.56 11.21 -32.86
C PHE C 165 -12.80 12.22 -33.73
N LEU C 166 -12.16 11.72 -34.78
CA LEU C 166 -11.42 12.57 -35.72
C LEU C 166 -12.33 13.58 -36.42
N GLU C 167 -13.61 13.25 -36.58
CA GLU C 167 -14.56 14.21 -37.15
C GLU C 167 -14.89 15.41 -36.22
N GLY C 168 -14.46 15.39 -34.97
CA GLY C 168 -14.73 16.52 -34.06
C GLY C 168 -16.11 16.39 -33.44
N GLY C 169 -16.43 17.30 -32.51
CA GLY C 169 -17.73 17.36 -31.89
C GLY C 169 -17.89 16.66 -30.54
N LYS C 170 -16.98 15.76 -30.18
CA LYS C 170 -17.06 15.06 -28.91
C LYS C 170 -15.68 14.87 -28.30
N ASP C 171 -15.51 15.33 -27.07
CA ASP C 171 -14.15 15.36 -26.46
C ASP C 171 -14.28 15.75 -25.01
N SER C 172 -13.20 15.59 -24.26
CA SER C 172 -13.08 16.17 -22.96
C SER C 172 -12.54 17.57 -23.17
N CYS C 173 -12.50 18.37 -22.11
CA CYS C 173 -12.13 19.78 -22.23
C CYS C 173 -11.64 20.34 -20.89
N GLN C 174 -11.35 21.66 -20.83
CA GLN C 174 -10.77 22.26 -19.64
C GLN C 174 -11.72 22.02 -18.44
N ARG C 175 -11.09 21.67 -17.31
CA ARG C 175 -11.72 21.25 -16.04
C ARG C 175 -12.06 19.75 -15.99
N ASP C 176 -11.87 19.04 -17.11
CA ASP C 176 -11.93 17.59 -17.09
C ASP C 176 -10.60 16.93 -16.73
N ALA C 177 -9.47 17.63 -16.80
CA ALA C 177 -8.21 16.99 -16.61
C ALA C 177 -8.15 16.22 -15.33
N GLY C 178 -7.47 15.10 -15.40
CA GLY C 178 -7.29 14.29 -14.20
C GLY C 178 -8.37 13.26 -14.05
N GLY C 179 -9.48 13.43 -14.78
CA GLY C 179 -10.61 12.49 -14.65
C GLY C 179 -10.42 11.18 -15.39
N PRO C 180 -11.38 10.28 -15.22
CA PRO C 180 -11.26 8.94 -15.70
C PRO C 180 -11.65 8.74 -17.17
N VAL C 181 -10.95 7.80 -17.78
CA VAL C 181 -11.35 7.07 -18.96
C VAL C 181 -11.47 5.62 -18.56
N VAL C 182 -12.70 5.12 -18.56
CA VAL C 182 -12.96 3.75 -18.14
C VAL C 182 -13.34 2.92 -19.36
N CYS C 183 -12.70 1.76 -19.49
CA CYS C 183 -13.01 0.82 -20.55
C CYS C 183 -13.15 -0.52 -19.88
N ASN C 184 -14.27 -1.20 -20.12
CA ASN C 184 -14.53 -2.54 -19.66
C ASN C 184 -14.31 -2.63 -18.15
N GLY C 185 -14.84 -1.67 -17.43
CA GLY C 185 -14.72 -1.66 -15.99
C GLY C 185 -13.32 -1.39 -15.45
N GLN C 186 -12.41 -0.83 -16.25
CA GLN C 186 -11.06 -0.58 -15.78
C GLN C 186 -10.64 0.81 -16.10
N LEU C 187 -9.90 1.42 -15.17
CA LEU C 187 -9.35 2.74 -15.42
C LEU C 187 -8.23 2.69 -16.49
N GLN C 188 -8.51 3.07 -17.71
CA GLN C 188 -7.48 3.01 -18.75
C GLN C 188 -6.78 4.33 -18.99
N GLY C 189 -7.45 5.44 -18.73
CA GLY C 189 -6.90 6.75 -19.04
C GLY C 189 -7.17 7.83 -17.99
N VAL C 190 -6.29 8.81 -18.01
CA VAL C 190 -6.46 10.00 -17.32
C VAL C 190 -6.58 11.13 -18.35
N VAL C 191 -7.56 11.99 -18.17
CA VAL C 191 -7.75 13.15 -19.06
C VAL C 191 -6.55 14.05 -18.95
N SER C 192 -5.94 14.36 -20.11
CA SER C 192 -4.67 15.09 -20.12
C SER C 192 -4.77 16.33 -20.98
N TRP C 193 -4.71 16.19 -22.29
CA TRP C 193 -4.58 17.38 -23.18
C TRP C 193 -5.20 17.18 -24.55
N GLY C 194 -5.25 18.22 -25.34
CA GLY C 194 -5.64 18.18 -26.76
C GLY C 194 -5.46 19.60 -27.28
N HIS C 195 -5.53 19.79 -28.59
CA HIS C 195 -5.46 21.10 -29.23
C HIS C 195 -6.92 21.49 -29.40
N GLY C 196 -7.32 22.46 -28.58
CA GLY C 196 -8.70 22.78 -28.38
C GLY C 196 -9.48 21.67 -27.71
N CYS C 197 -10.80 21.75 -27.89
CA CYS C 197 -11.75 20.69 -27.46
C CYS C 197 -12.69 20.34 -28.61
N ALA C 198 -12.68 19.08 -29.01
CA ALA C 198 -13.64 18.53 -29.97
C ALA C 198 -13.44 19.13 -31.36
N TRP C 199 -12.23 19.61 -31.66
CA TRP C 199 -11.90 20.07 -32.99
C TRP C 199 -11.61 18.89 -33.91
N LYS C 200 -11.91 19.05 -35.19
CA LYS C 200 -11.65 18.03 -36.19
C LYS C 200 -10.16 17.69 -36.21
N ASN C 201 -9.89 16.40 -36.30
CA ASN C 201 -8.54 15.89 -36.32
C ASN C 201 -7.70 16.21 -35.07
N ARG C 202 -8.30 16.56 -33.93
CA ARG C 202 -7.56 16.91 -32.74
C ARG C 202 -8.28 16.23 -31.59
N PRO C 203 -8.15 14.90 -31.51
CA PRO C 203 -8.83 14.17 -30.45
C PRO C 203 -8.12 14.32 -29.12
N GLY C 204 -8.83 14.00 -28.05
CA GLY C 204 -8.23 14.03 -26.73
C GLY C 204 -7.10 13.04 -26.59
N VAL C 205 -6.08 13.45 -25.83
CA VAL C 205 -4.89 12.69 -25.53
C VAL C 205 -4.93 12.44 -24.01
N TYR C 206 -4.66 11.22 -23.65
CA TYR C 206 -4.95 10.67 -22.31
C TYR C 206 -3.72 9.91 -21.87
N THR C 207 -3.47 9.89 -20.57
CA THR C 207 -2.35 9.16 -20.05
C THR C 207 -2.77 7.69 -19.92
N LYS C 208 -1.91 6.80 -20.37
CA LYS C 208 -2.15 5.40 -20.39
C LYS C 208 -1.84 4.76 -19.02
N VAL C 209 -2.88 4.58 -18.23
CA VAL C 209 -2.74 4.21 -16.85
C VAL C 209 -2.04 2.82 -16.74
N TYR C 210 -2.30 1.95 -17.71
CA TYR C 210 -1.64 0.66 -17.72
C TYR C 210 -0.12 0.74 -17.56
N ASN C 211 0.52 1.73 -18.16
CA ASN C 211 1.97 1.84 -18.07
C ASN C 211 2.50 2.16 -16.68
N TYR C 212 1.61 2.51 -15.76
CA TYR C 212 1.96 3.01 -14.45
C TYR C 212 1.42 2.07 -13.32
N VAL C 213 0.87 0.94 -13.65
CA VAL C 213 0.32 0.05 -12.63
C VAL C 213 1.39 -0.33 -11.60
N ASP C 214 2.58 -0.70 -12.04
CA ASP C 214 3.66 -0.95 -11.12
C ASP C 214 4.09 0.26 -10.30
N TRP C 215 4.26 1.42 -10.95
CA TRP C 215 4.56 2.64 -10.22
C TRP C 215 3.46 2.96 -9.14
N ILE C 216 2.21 2.75 -9.50
CA ILE C 216 1.08 2.98 -8.60
C ILE C 216 1.18 2.09 -7.35
N LYS C 217 1.33 0.78 -7.58
CA LYS C 217 1.46 -0.16 -6.49
C LYS C 217 2.71 0.12 -5.64
N ASP C 218 3.84 0.42 -6.27
CA ASP C 218 5.04 0.75 -5.53
C ASP C 218 4.83 2.02 -4.70
N THR C 219 4.23 3.07 -5.27
CA THR C 219 4.01 4.30 -4.54
C THR C 219 3.05 4.11 -3.36
N ILE C 220 1.96 3.39 -3.59
CA ILE C 220 1.01 3.08 -2.52
C ILE C 220 1.72 2.29 -1.40
N ALA C 221 2.51 1.28 -1.75
CA ALA C 221 3.19 0.45 -0.77
C ALA C 221 4.19 1.25 0.00
N ALA C 222 4.92 2.12 -0.69
CA ALA C 222 5.97 2.90 -0.05
C ALA C 222 5.34 3.98 0.85
N ASN C 223 4.12 4.36 0.58
CA ASN C 223 3.46 5.34 1.42
C ASN C 223 2.34 4.75 2.28
N SER C 224 2.47 3.50 2.74
CA SER C 224 1.42 2.87 3.52
C SER C 224 1.93 2.60 4.93
N SER D 15 3.80 44.39 -24.03
CA SER D 15 4.03 43.59 -25.32
C SER D 15 3.24 42.28 -25.30
N PHE D 16 3.49 41.49 -24.26
CA PHE D 16 2.69 40.32 -23.94
C PHE D 16 1.24 40.71 -23.59
N CYS D 17 0.99 41.97 -23.23
CA CYS D 17 -0.37 42.43 -23.04
C CYS D 17 -1.20 42.30 -24.31
N ALA D 18 -0.55 42.29 -25.47
CA ALA D 18 -1.21 42.13 -26.75
C ALA D 18 -1.13 40.71 -27.31
N PHE D 19 -0.84 39.70 -26.46
CA PHE D 19 -0.96 38.36 -26.93
C PHE D 19 -2.41 37.94 -26.74
N LYS D 20 -2.87 37.10 -27.65
CA LYS D 20 -4.23 36.51 -27.50
C LYS D 20 -4.20 35.60 -26.28
N ALA D 21 -5.16 35.72 -25.41
CA ALA D 21 -5.30 34.84 -24.27
C ALA D 21 -5.24 33.38 -24.75
N ASP D 22 -4.50 32.52 -24.03
CA ASP D 22 -4.29 31.18 -24.46
C ASP D 22 -4.49 30.23 -23.27
N ASP D 23 -5.52 29.40 -23.32
CA ASP D 23 -5.72 28.40 -22.28
C ASP D 23 -4.75 27.21 -22.38
N GLY D 24 -4.07 27.07 -23.53
CA GLY D 24 -3.10 26.01 -23.71
C GLY D 24 -3.79 24.69 -23.94
N PRO D 25 -3.01 23.63 -24.10
CA PRO D 25 -3.60 22.34 -24.47
C PRO D 25 -4.04 21.46 -23.27
N CYS D 26 -3.51 21.75 -22.10
CA CYS D 26 -3.88 20.98 -20.93
C CYS D 26 -5.29 21.30 -20.51
N ARG D 27 -5.86 20.41 -19.71
CA ARG D 27 -7.30 20.42 -19.44
C ARG D 27 -7.72 20.62 -18.00
N ALA D 28 -6.84 21.25 -17.24
CA ALA D 28 -7.27 21.81 -15.96
C ALA D 28 -8.06 23.11 -16.16
N CYS D 29 -8.65 23.59 -15.08
CA CYS D 29 -9.16 24.94 -14.98
C CYS D 29 -8.48 25.66 -13.83
N MET D 30 -7.31 26.19 -14.09
CA MET D 30 -6.59 27.02 -13.12
C MET D 30 -7.03 28.48 -13.37
N LYS D 31 -7.63 29.09 -12.40
CA LYS D 31 -8.10 30.48 -12.54
C LYS D 31 -6.96 31.43 -12.72
N ARG D 32 -7.00 32.16 -13.83
CA ARG D 32 -6.00 33.15 -14.17
C ARG D 32 -6.70 34.38 -14.77
N PHE D 33 -5.90 35.40 -14.99
CA PHE D 33 -6.42 36.60 -15.61
C PHE D 33 -5.60 36.91 -16.82
N PHE D 34 -6.26 37.46 -17.83
CA PHE D 34 -5.59 38.01 -18.98
C PHE D 34 -6.12 39.42 -19.26
N PHE D 35 -5.34 40.16 -20.02
CA PHE D 35 -5.67 41.48 -20.47
C PHE D 35 -6.38 41.39 -21.80
N ASN D 36 -7.62 41.85 -21.79
CA ASN D 36 -8.47 41.86 -22.96
C ASN D 36 -8.33 43.21 -23.65
N ILE D 37 -7.74 43.22 -24.85
CA ILE D 37 -7.54 44.47 -25.61
C ILE D 37 -8.85 45.20 -26.02
N PHE D 38 -9.90 44.48 -26.38
CA PHE D 38 -11.16 45.11 -26.74
C PHE D 38 -11.87 45.83 -25.59
N THR D 39 -11.92 45.19 -24.42
CA THR D 39 -12.58 45.80 -23.30
C THR D 39 -11.60 46.60 -22.45
N ARG D 40 -10.31 46.47 -22.73
CA ARG D 40 -9.31 47.13 -21.91
C ARG D 40 -9.47 46.74 -20.41
N GLN D 41 -9.97 45.56 -20.13
CA GLN D 41 -10.17 45.07 -18.78
C GLN D 41 -9.39 43.70 -18.62
N CYS D 42 -9.09 43.40 -17.36
CA CYS D 42 -8.49 42.14 -16.96
C CYS D 42 -9.65 41.22 -16.76
N GLU D 43 -9.55 39.98 -17.21
CA GLU D 43 -10.69 39.11 -17.31
C GLU D 43 -10.21 37.73 -16.89
N GLU D 44 -11.09 37.01 -16.20
CA GLU D 44 -10.80 35.73 -15.64
C GLU D 44 -10.91 34.68 -16.75
N PHE D 45 -10.05 33.66 -16.73
CA PHE D 45 -10.20 32.52 -17.60
C PHE D 45 -9.63 31.25 -16.99
N CYS D 46 -10.07 30.11 -17.56
CA CYS D 46 -9.55 28.79 -17.22
C CYS D 46 -8.28 28.57 -18.00
N TYR D 47 -7.18 28.64 -17.31
CA TYR D 47 -5.91 28.28 -17.91
C TYR D 47 -5.78 26.76 -17.72
N GLY D 48 -5.37 26.07 -18.75
CA GLY D 48 -5.39 24.58 -18.70
C GLY D 48 -4.28 23.96 -17.88
N GLY D 49 -3.22 24.77 -17.54
CA GLY D 49 -2.15 24.35 -16.69
C GLY D 49 -0.80 24.10 -17.33
N CYS D 50 -0.71 24.31 -18.65
CA CYS D 50 0.57 24.19 -19.34
C CYS D 50 0.57 25.06 -20.60
N GLU D 51 1.77 25.39 -21.05
CA GLU D 51 2.01 26.16 -22.24
C GLU D 51 1.26 27.50 -22.10
N GLY D 52 0.64 28.01 -23.14
CA GLY D 52 0.00 29.34 -23.08
C GLY D 52 1.01 30.40 -23.35
N ASN D 53 0.77 31.64 -22.95
CA ASN D 53 1.71 32.72 -23.21
C ASN D 53 1.67 33.67 -22.02
N GLN D 54 2.50 34.71 -22.06
CA GLN D 54 2.68 35.56 -20.90
C GLN D 54 1.50 36.55 -20.65
N ASN D 55 0.45 36.52 -21.47
CA ASN D 55 -0.70 37.35 -21.13
C ASN D 55 -1.52 36.46 -20.18
N ARG D 56 -0.94 36.15 -19.03
CA ARG D 56 -1.57 35.31 -18.04
C ARG D 56 -1.10 35.81 -16.67
N PHE D 57 -2.01 36.04 -15.72
CA PHE D 57 -1.64 36.57 -14.40
C PHE D 57 -2.41 35.86 -13.31
N GLU D 58 -1.83 35.76 -12.12
CA GLU D 58 -2.53 35.13 -10.99
C GLU D 58 -3.64 35.93 -10.39
N SER D 59 -3.55 37.24 -10.47
CA SER D 59 -4.45 38.12 -9.81
C SER D 59 -4.84 39.23 -10.74
N LEU D 60 -6.02 39.81 -10.46
CA LEU D 60 -6.49 41.03 -11.10
C LEU D 60 -5.47 42.13 -10.90
N GLU D 61 -4.96 42.27 -9.67
CA GLU D 61 -3.96 43.31 -9.35
C GLU D 61 -2.73 43.24 -10.27
N GLU D 62 -2.12 42.04 -10.42
CA GLU D 62 -0.91 41.85 -11.27
C GLU D 62 -1.21 42.23 -12.73
N CYS D 63 -2.35 41.76 -13.23
CA CYS D 63 -2.76 42.08 -14.59
C CYS D 63 -2.88 43.62 -14.77
N LYS D 64 -3.64 44.26 -13.88
CA LYS D 64 -3.84 45.73 -13.93
C LYS D 64 -2.48 46.49 -13.88
N LYS D 65 -1.55 46.05 -13.01
CA LYS D 65 -0.18 46.62 -12.93
C LYS D 65 0.61 46.46 -14.21
N MET D 66 0.59 45.25 -14.82
CA MET D 66 1.40 44.99 -16.00
C MET D 66 0.83 45.56 -17.27
N CYS D 67 -0.47 45.71 -17.30
CA CYS D 67 -1.14 46.08 -18.56
C CYS D 67 -1.91 47.37 -18.26
N ILE E 1 9.21 -28.82 -27.98
CA ILE E 1 7.81 -28.82 -27.44
C ILE E 1 7.61 -30.12 -26.68
N VAL E 2 7.34 -29.98 -25.39
CA VAL E 2 7.08 -31.11 -24.51
C VAL E 2 5.59 -31.20 -24.31
N GLY E 3 5.06 -32.41 -24.44
CA GLY E 3 3.63 -32.67 -24.19
C GLY E 3 2.71 -32.13 -25.27
N GLY E 4 3.24 -31.89 -26.47
CA GLY E 4 2.49 -31.40 -27.58
C GLY E 4 2.11 -32.50 -28.52
N TYR E 5 1.88 -32.13 -29.77
CA TYR E 5 1.54 -33.07 -30.85
C TYR E 5 2.23 -32.59 -32.10
N THR E 6 2.31 -33.44 -33.11
CA THR E 6 2.89 -33.04 -34.39
C THR E 6 1.92 -32.16 -35.19
N CYS E 7 2.41 -30.98 -35.59
CA CYS E 7 1.64 -30.09 -36.42
C CYS E 7 1.33 -30.80 -37.73
N GLU E 8 0.15 -30.57 -38.25
CA GLU E 8 -0.12 -30.92 -39.65
C GLU E 8 0.91 -30.22 -40.56
N GLU E 9 1.38 -30.94 -41.55
CA GLU E 9 2.36 -30.45 -42.53
C GLU E 9 2.02 -29.12 -43.14
N ASN E 10 2.86 -28.14 -42.92
CA ASN E 10 2.67 -26.81 -43.49
C ASN E 10 1.39 -26.11 -43.01
N SER E 11 0.85 -26.50 -41.86
CA SER E 11 -0.29 -25.86 -41.29
C SER E 11 0.10 -24.53 -40.57
N LEU E 12 1.40 -24.33 -40.31
CA LEU E 12 1.93 -23.11 -39.77
C LEU E 12 2.92 -22.49 -40.77
N PRO E 13 2.40 -21.86 -41.83
CA PRO E 13 3.31 -21.35 -42.87
C PRO E 13 4.20 -20.17 -42.47
N TYR E 14 3.89 -19.58 -41.31
CA TYR E 14 4.68 -18.53 -40.73
C TYR E 14 5.86 -19.06 -39.95
N GLN E 15 5.92 -20.35 -39.71
CA GLN E 15 6.98 -20.88 -38.80
C GLN E 15 8.22 -21.09 -39.63
N VAL E 16 9.32 -20.48 -39.18
CA VAL E 16 10.61 -20.64 -39.82
C VAL E 16 11.65 -21.20 -38.85
N SER E 17 12.75 -21.63 -39.42
CA SER E 17 13.91 -22.02 -38.61
C SER E 17 15.15 -21.19 -38.92
N LEU E 18 15.99 -21.03 -37.90
CA LEU E 18 17.28 -20.35 -38.01
C LEU E 18 18.34 -21.38 -38.01
N ASN E 19 19.25 -21.27 -38.99
CA ASN E 19 20.23 -22.27 -39.22
C ASN E 19 21.61 -21.68 -39.33
N SER E 20 22.56 -22.35 -38.69
CA SER E 20 23.96 -22.02 -38.85
C SER E 20 24.78 -23.28 -38.60
N GLY E 21 24.91 -24.15 -39.59
CA GLY E 21 25.51 -25.44 -39.32
C GLY E 21 24.44 -26.43 -38.91
N SER E 22 23.48 -26.02 -38.09
CA SER E 22 22.32 -26.87 -37.81
C SER E 22 21.16 -25.94 -37.43
N HIS E 23 20.00 -26.53 -37.20
CA HIS E 23 18.82 -25.84 -36.69
C HIS E 23 19.08 -25.51 -35.23
N PHE E 24 19.04 -24.22 -34.87
CA PHE E 24 19.34 -23.75 -33.57
C PHE E 24 18.22 -22.95 -32.89
N CYS E 25 17.28 -22.42 -33.67
CA CYS E 25 16.17 -21.59 -33.15
C CYS E 25 15.08 -21.57 -34.19
N GLY E 26 13.95 -21.05 -33.75
CA GLY E 26 12.77 -20.80 -34.61
C GLY E 26 12.65 -19.34 -34.81
N GLY E 27 11.66 -19.02 -35.60
CA GLY E 27 11.21 -17.66 -35.87
C GLY E 27 9.87 -17.67 -36.56
N SER E 28 9.37 -16.48 -36.79
CA SER E 28 8.08 -16.19 -37.37
C SER E 28 8.24 -15.18 -38.50
N LEU E 29 7.67 -15.52 -39.64
CA LEU E 29 7.63 -14.65 -40.80
C LEU E 29 6.52 -13.64 -40.60
N ILE E 30 6.91 -12.36 -40.45
CA ILE E 30 5.91 -11.32 -40.25
C ILE E 30 5.63 -10.43 -41.42
N SER E 31 6.51 -10.44 -42.39
CA SER E 31 6.26 -9.74 -43.63
C SER E 31 7.03 -10.51 -44.69
N GLU E 32 6.98 -10.07 -45.91
CA GLU E 32 7.64 -10.80 -47.00
C GLU E 32 9.12 -10.96 -46.74
N GLN E 33 9.74 -9.90 -46.17
CA GLN E 33 11.18 -9.94 -46.04
C GLN E 33 11.67 -9.93 -44.60
N TRP E 34 10.78 -10.08 -43.65
CA TRP E 34 11.20 -9.96 -42.26
C TRP E 34 10.68 -11.07 -41.34
N VAL E 35 11.58 -11.48 -40.47
CA VAL E 35 11.34 -12.54 -39.48
C VAL E 35 11.58 -12.00 -38.09
N VAL E 36 10.67 -12.31 -37.17
CA VAL E 36 10.87 -12.06 -35.74
C VAL E 36 11.41 -13.31 -35.06
N SER E 37 12.43 -13.13 -34.24
CA SER E 37 12.93 -14.23 -33.38
C SER E 37 13.34 -13.67 -32.00
N ALA E 38 14.10 -14.47 -31.24
CA ALA E 38 14.55 -14.03 -29.94
C ALA E 38 15.95 -13.46 -30.09
N ALA E 39 16.27 -12.44 -29.28
CA ALA E 39 17.61 -11.86 -29.35
C ALA E 39 18.69 -12.87 -28.94
N HIS E 40 18.36 -13.79 -28.07
CA HIS E 40 19.34 -14.76 -27.64
C HIS E 40 19.65 -15.80 -28.67
N CYS E 41 18.90 -15.79 -29.80
CA CYS E 41 19.23 -16.58 -30.96
C CYS E 41 20.18 -15.86 -31.91
N TYR E 42 20.67 -14.71 -31.51
CA TYR E 42 21.55 -13.95 -32.38
C TYR E 42 22.80 -14.70 -32.78
N LYS E 43 23.09 -14.66 -34.08
CA LYS E 43 24.42 -14.98 -34.63
C LYS E 43 24.64 -14.01 -35.77
N THR E 44 25.89 -13.88 -36.16
CA THR E 44 26.29 -12.98 -37.18
C THR E 44 25.87 -13.42 -38.58
N ARG E 45 25.78 -14.72 -38.79
CA ARG E 45 25.43 -15.33 -40.09
C ARG E 45 24.30 -16.28 -39.85
N ILE E 46 23.18 -16.11 -40.53
CA ILE E 46 22.01 -17.02 -40.28
C ILE E 46 21.39 -17.33 -41.67
N GLN E 47 21.12 -18.63 -41.90
CA GLN E 47 20.25 -19.06 -42.97
C GLN E 47 18.85 -19.31 -42.41
N VAL E 48 17.87 -18.60 -42.95
CA VAL E 48 16.50 -18.85 -42.58
C VAL E 48 15.92 -19.95 -43.53
N ARG E 49 15.24 -20.90 -42.93
CA ARG E 49 14.51 -21.89 -43.69
C ARG E 49 13.02 -21.76 -43.48
N LEU E 50 12.30 -21.77 -44.59
CA LEU E 50 10.85 -21.53 -44.58
C LEU E 50 10.16 -22.65 -45.31
N GLY E 51 8.92 -22.89 -44.95
CA GLY E 51 8.12 -23.96 -45.56
C GLY E 51 8.49 -25.33 -45.08
N GLU E 52 9.18 -25.46 -43.96
CA GLU E 52 9.63 -26.76 -43.51
C GLU E 52 8.55 -27.49 -42.73
N HIS E 53 8.58 -28.81 -42.80
CA HIS E 53 7.91 -29.61 -41.88
C HIS E 53 8.91 -30.55 -41.18
N ASN E 54 9.48 -31.47 -41.93
CA ASN E 54 10.51 -32.35 -41.45
C ASN E 54 11.85 -31.71 -41.86
N ILE E 55 12.62 -31.32 -40.86
CA ILE E 55 13.84 -30.57 -41.12
C ILE E 55 14.95 -31.41 -41.70
N LYS E 56 14.88 -32.74 -41.58
CA LYS E 56 15.85 -33.64 -42.20
C LYS E 56 15.40 -34.16 -43.56
N VAL E 57 14.12 -34.46 -43.75
CA VAL E 57 13.62 -35.02 -45.03
C VAL E 57 12.90 -33.92 -45.80
N LEU E 58 13.61 -33.18 -46.61
CA LEU E 58 13.05 -32.03 -47.33
C LEU E 58 12.15 -32.49 -48.49
N GLU E 59 11.02 -31.82 -48.67
CA GLU E 59 10.09 -32.10 -49.74
C GLU E 59 10.53 -31.48 -51.05
N GLY E 60 11.35 -30.43 -51.00
CA GLY E 60 11.68 -29.61 -52.20
C GLY E 60 10.76 -28.41 -52.41
N ASN E 61 9.94 -28.10 -51.44
CA ASN E 61 9.03 -27.00 -51.47
C ASN E 61 9.55 -25.84 -50.52
N GLU E 62 10.65 -26.08 -49.81
CA GLU E 62 11.18 -25.22 -48.82
C GLU E 62 11.88 -24.03 -49.43
N GLN E 63 12.05 -22.95 -48.67
CA GLN E 63 12.85 -21.84 -49.15
C GLN E 63 14.00 -21.65 -48.17
N PHE E 64 15.19 -21.41 -48.67
CA PHE E 64 16.38 -21.19 -47.85
C PHE E 64 16.85 -19.80 -48.23
N ILE E 65 16.86 -18.88 -47.29
CA ILE E 65 17.22 -17.49 -47.61
C ILE E 65 18.15 -16.95 -46.51
N ASN E 66 19.30 -16.42 -46.93
CA ASN E 66 20.22 -15.88 -45.94
C ASN E 66 19.70 -14.62 -45.29
N ALA E 67 20.03 -14.43 -44.03
CA ALA E 67 19.77 -13.14 -43.37
C ALA E 67 20.70 -12.09 -43.99
N ALA E 68 20.13 -10.98 -44.48
CA ALA E 68 20.89 -9.80 -44.83
C ALA E 68 21.20 -8.87 -43.64
N LYS E 69 20.28 -8.73 -42.70
CA LYS E 69 20.49 -7.92 -41.50
C LYS E 69 19.87 -8.68 -40.34
N ILE E 70 20.47 -8.53 -39.16
CA ILE E 70 20.09 -9.28 -37.98
C ILE E 70 20.19 -8.26 -36.85
N ILE E 71 19.05 -7.85 -36.29
CA ILE E 71 18.98 -6.70 -35.46
C ILE E 71 18.28 -7.04 -34.14
N ARG E 72 19.08 -7.11 -33.10
CA ARG E 72 18.56 -7.28 -31.76
C ARG E 72 17.96 -6.02 -31.25
N HIS E 73 16.95 -6.15 -30.38
CA HIS E 73 16.45 -4.99 -29.66
C HIS E 73 17.61 -4.30 -28.99
N PRO E 74 17.71 -2.98 -29.09
CA PRO E 74 18.88 -2.32 -28.53
C PRO E 74 18.94 -2.33 -26.96
N LYS E 75 17.82 -2.61 -26.29
CA LYS E 75 17.76 -2.78 -24.85
C LYS E 75 17.71 -4.23 -24.42
N TYR E 76 17.99 -5.15 -25.32
CA TYR E 76 18.19 -6.52 -24.97
C TYR E 76 19.31 -6.67 -23.97
N ASN E 77 19.11 -7.52 -22.98
CA ASN E 77 20.21 -7.80 -22.01
C ASN E 77 20.26 -9.30 -21.84
N ARG E 78 21.44 -9.90 -22.11
CA ARG E 78 21.68 -11.32 -21.97
C ARG E 78 21.50 -11.91 -20.53
N ASP E 79 21.70 -11.14 -19.50
CA ASP E 79 21.59 -11.63 -18.11
C ASP E 79 20.14 -11.61 -17.59
N THR E 80 19.39 -10.52 -17.87
CA THR E 80 18.00 -10.39 -17.39
C THR E 80 17.01 -10.98 -18.39
N LEU E 81 17.48 -11.14 -19.63
CA LEU E 81 16.60 -11.46 -20.78
C LEU E 81 15.55 -10.47 -21.12
N ASP E 82 15.73 -9.27 -20.65
CA ASP E 82 14.77 -8.22 -20.90
C ASP E 82 14.87 -7.95 -22.45
N ASN E 83 13.71 -7.69 -23.08
CA ASN E 83 13.64 -7.29 -24.46
C ASN E 83 14.25 -8.35 -25.39
N ASP E 84 13.88 -9.63 -25.15
CA ASP E 84 14.48 -10.72 -25.87
C ASP E 84 13.77 -10.89 -27.21
N ILE E 85 14.10 -10.00 -28.12
CA ILE E 85 13.46 -10.00 -29.45
C ILE E 85 14.46 -9.43 -30.44
N MET E 86 14.34 -9.94 -31.67
CA MET E 86 15.28 -9.66 -32.74
C MET E 86 14.54 -9.74 -34.08
N LEU E 87 14.97 -8.88 -35.01
CA LEU E 87 14.43 -8.93 -36.35
C LEU E 87 15.53 -9.41 -37.29
N ILE E 88 15.11 -10.24 -38.25
CA ILE E 88 15.95 -10.61 -39.37
C ILE E 88 15.37 -10.10 -40.67
N LYS E 89 16.18 -9.41 -41.46
CA LYS E 89 15.81 -9.03 -42.82
C LYS E 89 16.43 -10.07 -43.74
N LEU E 90 15.57 -10.77 -44.46
CA LEU E 90 15.96 -11.76 -45.44
C LEU E 90 16.61 -11.08 -46.61
N SER E 91 17.56 -11.73 -47.25
CA SER E 91 18.30 -11.05 -48.31
C SER E 91 17.45 -10.87 -49.56
N SER E 92 16.43 -11.70 -49.74
CA SER E 92 15.38 -11.41 -50.70
C SER E 92 14.01 -11.71 -50.05
N PRO E 93 12.95 -11.05 -50.55
CA PRO E 93 11.61 -11.41 -50.03
C PRO E 93 11.33 -12.89 -50.23
N ALA E 94 10.76 -13.55 -49.23
CA ALA E 94 10.21 -14.89 -49.40
C ALA E 94 9.10 -14.93 -50.46
N VAL E 95 8.96 -16.07 -51.16
CA VAL E 95 7.87 -16.26 -52.10
C VAL E 95 6.68 -16.72 -51.29
N ILE E 96 5.61 -15.94 -51.27
CA ILE E 96 4.44 -16.22 -50.47
C ILE E 96 3.55 -17.23 -51.19
N ASN E 97 3.23 -18.34 -50.53
CA ASN E 97 2.38 -19.38 -51.16
C ASN E 97 1.65 -20.12 -50.01
N ALA E 98 1.00 -21.25 -50.31
CA ALA E 98 0.26 -22.01 -49.29
C ALA E 98 1.15 -22.47 -48.13
N ARG E 99 2.45 -22.63 -48.35
CA ARG E 99 3.35 -23.12 -47.29
C ARG E 99 4.23 -22.08 -46.62
N VAL E 100 4.27 -20.88 -47.18
CA VAL E 100 5.09 -19.83 -46.66
C VAL E 100 4.29 -18.56 -46.74
N SER E 101 3.89 -18.04 -45.58
CA SER E 101 3.10 -16.81 -45.51
C SER E 101 3.24 -16.23 -44.13
N THR E 102 2.74 -15.03 -43.97
CA THR E 102 3.03 -14.24 -42.80
C THR E 102 2.04 -14.46 -41.68
N ILE E 103 2.46 -14.07 -40.47
CA ILE E 103 1.57 -14.06 -39.33
C ILE E 103 1.36 -12.59 -38.93
N SER E 104 0.10 -12.22 -38.65
CA SER E 104 -0.23 -10.88 -38.23
C SER E 104 0.39 -10.46 -36.89
N LEU E 105 0.89 -9.23 -36.84
CA LEU E 105 1.26 -8.60 -35.55
C LEU E 105 0.03 -8.35 -34.69
N PRO E 106 0.21 -8.31 -33.36
CA PRO E 106 -0.92 -8.20 -32.45
C PRO E 106 -1.46 -6.80 -32.37
N THR E 107 -2.76 -6.68 -32.27
CA THR E 107 -3.43 -5.40 -32.09
C THR E 107 -3.82 -5.16 -30.62
N ALA E 108 -3.66 -6.13 -29.75
CA ALA E 108 -3.94 -6.00 -28.34
C ALA E 108 -3.04 -7.03 -27.66
N PRO E 109 -2.68 -6.81 -26.40
CA PRO E 109 -1.83 -7.78 -25.69
C PRO E 109 -2.64 -9.03 -25.36
N PRO E 110 -1.95 -10.13 -25.07
CA PRO E 110 -2.71 -11.34 -24.79
C PRO E 110 -3.38 -11.25 -23.39
N ALA E 111 -4.62 -11.64 -23.25
CA ALA E 111 -5.30 -11.63 -22.00
C ALA E 111 -5.12 -13.01 -21.32
N ALA E 112 -4.97 -12.97 -19.99
CA ALA E 112 -4.91 -14.18 -19.16
C ALA E 112 -6.06 -15.15 -19.54
N GLY E 113 -5.73 -16.41 -19.79
CA GLY E 113 -6.72 -17.41 -20.11
C GLY E 113 -6.89 -17.63 -21.61
N THR E 114 -6.33 -16.74 -22.44
CA THR E 114 -6.47 -16.85 -23.86
C THR E 114 -5.68 -18.06 -24.33
N GLU E 115 -6.28 -18.85 -25.21
CA GLU E 115 -5.60 -20.06 -25.72
C GLU E 115 -4.65 -19.68 -26.85
N CYS E 116 -3.40 -20.13 -26.78
CA CYS E 116 -2.43 -19.88 -27.81
C CYS E 116 -1.84 -21.16 -28.38
N LEU E 117 -1.12 -21.00 -29.50
CA LEU E 117 -0.48 -22.11 -30.18
C LEU E 117 1.01 -21.83 -30.19
N ILE E 118 1.79 -22.73 -29.58
CA ILE E 118 3.26 -22.62 -29.52
C ILE E 118 3.83 -23.73 -30.34
N SER E 119 4.88 -23.45 -31.12
CA SER E 119 5.37 -24.45 -32.05
C SER E 119 6.89 -24.40 -32.22
N GLY E 120 7.47 -25.53 -32.60
CA GLY E 120 8.91 -25.61 -32.90
C GLY E 120 9.45 -27.01 -32.92
N TRP E 121 10.74 -27.09 -33.19
CA TRP E 121 11.46 -28.32 -33.26
C TRP E 121 12.33 -28.59 -32.01
N GLY E 122 11.88 -28.12 -30.87
CA GLY E 122 12.59 -28.27 -29.63
C GLY E 122 12.45 -29.64 -29.02
N ASN E 123 13.24 -29.85 -27.98
CA ASN E 123 13.24 -31.07 -27.21
C ASN E 123 11.80 -31.41 -26.77
N THR E 124 11.46 -32.69 -26.85
CA THR E 124 10.14 -33.17 -26.50
C THR E 124 10.10 -33.80 -25.11
N LEU E 125 11.25 -33.87 -24.41
CA LEU E 125 11.32 -34.50 -23.08
C LEU E 125 11.68 -33.50 -21.98
N SER E 126 11.03 -33.63 -20.83
CA SER E 126 11.42 -32.82 -19.65
C SER E 126 12.71 -33.26 -19.03
N PHE E 127 12.96 -34.57 -19.05
CA PHE E 127 14.11 -35.14 -18.38
C PHE E 127 14.82 -36.14 -19.29
N GLY E 128 15.11 -35.69 -20.48
CA GLY E 128 15.85 -36.50 -21.45
C GLY E 128 16.08 -35.60 -22.66
N ALA E 129 16.63 -36.16 -23.71
CA ALA E 129 16.91 -35.39 -24.95
C ALA E 129 16.27 -36.14 -26.09
N ASP E 130 15.21 -35.59 -26.65
CA ASP E 130 14.69 -36.07 -27.93
C ASP E 130 14.26 -34.94 -28.81
N TYR E 131 15.08 -34.71 -29.83
CA TYR E 131 14.88 -33.59 -30.73
C TYR E 131 14.19 -34.11 -32.00
N PRO E 132 12.93 -33.72 -32.24
CA PRO E 132 12.11 -34.25 -33.32
C PRO E 132 12.51 -33.61 -34.65
N ASP E 133 12.39 -34.37 -35.74
CA ASP E 133 12.54 -33.81 -37.07
C ASP E 133 11.33 -33.03 -37.59
N GLU E 134 10.13 -33.39 -37.08
CA GLU E 134 8.86 -32.85 -37.52
C GLU E 134 8.41 -31.81 -36.54
N LEU E 135 7.84 -30.75 -37.10
CA LEU E 135 7.38 -29.63 -36.32
C LEU E 135 6.32 -29.99 -35.30
N LYS E 136 6.53 -29.54 -34.06
CA LYS E 136 5.58 -29.81 -32.96
C LYS E 136 4.79 -28.59 -32.55
N CYS E 137 3.61 -28.86 -32.05
CA CYS E 137 2.60 -27.87 -31.71
C CYS E 137 2.12 -28.13 -30.29
N LEU E 138 1.74 -27.04 -29.61
CA LEU E 138 1.21 -27.08 -28.26
C LEU E 138 0.16 -26.00 -28.05
N ASP E 139 -1.01 -26.38 -27.61
CA ASP E 139 -2.05 -25.44 -27.14
C ASP E 139 -1.85 -25.16 -25.67
N ALA E 140 -1.83 -23.88 -25.34
CA ALA E 140 -1.62 -23.53 -23.95
C ALA E 140 -2.17 -22.17 -23.67
N PRO E 141 -2.63 -21.96 -22.39
CA PRO E 141 -3.23 -20.69 -22.09
C PRO E 141 -2.18 -19.71 -21.52
N VAL E 142 -2.45 -18.44 -21.75
CA VAL E 142 -1.74 -17.34 -21.12
C VAL E 142 -2.07 -17.34 -19.63
N LEU E 143 -1.04 -17.20 -18.81
CA LEU E 143 -1.20 -17.16 -17.36
C LEU E 143 -1.30 -15.73 -16.92
N THR E 144 -1.84 -15.51 -15.72
CA THR E 144 -1.88 -14.18 -15.15
C THR E 144 -0.45 -13.69 -14.89
N GLN E 145 -0.26 -12.39 -14.93
CA GLN E 145 1.04 -11.85 -14.64
C GLN E 145 1.46 -12.15 -13.20
N ALA E 146 0.50 -12.19 -12.30
CA ALA E 146 0.79 -12.52 -10.92
C ALA E 146 1.34 -13.95 -10.80
N GLU E 147 0.76 -14.92 -11.51
CA GLU E 147 1.24 -16.30 -11.50
C GLU E 147 2.64 -16.38 -12.12
N CYS E 148 2.83 -15.64 -13.19
CA CYS E 148 4.11 -15.55 -13.89
C CYS E 148 5.19 -15.07 -12.95
N LYS E 149 4.92 -13.94 -12.27
CA LYS E 149 5.87 -13.35 -11.35
C LYS E 149 6.15 -14.21 -10.15
N ALA E 150 5.11 -14.87 -9.65
CA ALA E 150 5.26 -15.74 -8.50
C ALA E 150 6.10 -16.98 -8.86
N SER E 151 6.03 -17.43 -10.10
CA SER E 151 6.79 -18.60 -10.55
C SER E 151 8.28 -18.26 -10.65
N TYR E 152 8.60 -17.03 -11.00
CA TYR E 152 9.96 -16.55 -11.19
C TYR E 152 10.20 -15.21 -10.48
N PRO E 153 10.27 -15.22 -9.15
CA PRO E 153 10.35 -13.94 -8.42
C PRO E 153 11.52 -13.04 -8.84
N GLY E 154 11.22 -11.76 -9.08
CA GLY E 154 12.18 -10.80 -9.49
C GLY E 154 12.72 -10.93 -10.92
N LYS E 155 12.27 -11.90 -11.70
CA LYS E 155 12.84 -12.12 -13.04
C LYS E 155 11.96 -11.70 -14.23
N ILE E 156 10.66 -11.48 -13.96
CA ILE E 156 9.68 -11.19 -15.04
C ILE E 156 9.62 -9.70 -15.23
N THR E 157 10.11 -9.27 -16.39
CA THR E 157 10.08 -7.85 -16.70
C THR E 157 8.81 -7.57 -17.46
N ASN E 158 8.57 -6.29 -17.74
CA ASN E 158 7.46 -5.83 -18.58
C ASN E 158 7.44 -6.45 -19.98
N SER E 159 8.59 -6.90 -20.47
CA SER E 159 8.66 -7.45 -21.83
C SER E 159 8.25 -8.91 -21.87
N MET E 160 7.89 -9.53 -20.74
CA MET E 160 7.63 -10.94 -20.64
C MET E 160 6.23 -11.31 -20.20
N PHE E 161 5.79 -12.49 -20.62
CA PHE E 161 4.60 -13.12 -20.09
C PHE E 161 4.76 -14.64 -20.13
N CYS E 162 3.92 -15.29 -19.32
CA CYS E 162 3.91 -16.72 -19.17
C CYS E 162 2.75 -17.36 -19.88
N VAL E 163 3.06 -18.50 -20.48
CA VAL E 163 2.11 -19.33 -21.19
C VAL E 163 2.42 -20.75 -20.82
N GLY E 164 1.40 -21.52 -20.43
CA GLY E 164 1.61 -22.90 -20.13
C GLY E 164 0.75 -23.39 -19.02
N PHE E 165 1.31 -24.33 -18.22
CA PHE E 165 0.61 -25.08 -17.20
C PHE E 165 1.47 -25.15 -15.94
N LEU E 166 0.96 -24.57 -14.85
CA LEU E 166 1.69 -24.61 -13.55
C LEU E 166 1.87 -26.06 -13.06
N GLU E 167 0.97 -26.96 -13.44
CA GLU E 167 1.12 -28.37 -13.10
C GLU E 167 2.26 -29.08 -13.85
N GLY E 168 2.88 -28.46 -14.84
CA GLY E 168 3.99 -29.09 -15.55
C GLY E 168 3.50 -30.00 -16.64
N GLY E 169 4.42 -30.55 -17.44
CA GLY E 169 4.12 -31.53 -18.47
C GLY E 169 3.96 -31.00 -19.88
N LYS E 170 3.74 -29.72 -20.05
CA LYS E 170 3.57 -29.11 -21.36
C LYS E 170 4.25 -27.75 -21.45
N ASP E 171 5.13 -27.59 -22.44
CA ASP E 171 5.96 -26.35 -22.47
C ASP E 171 6.76 -26.38 -23.77
N SER E 172 7.38 -25.24 -24.07
CA SER E 172 8.37 -25.20 -25.09
C SER E 172 9.70 -25.60 -24.42
N CYS E 173 10.72 -25.78 -25.22
CA CYS E 173 12.01 -26.28 -24.71
C CYS E 173 13.19 -25.87 -25.61
N GLN E 174 14.38 -26.34 -25.29
CA GLN E 174 15.59 -26.00 -26.04
C GLN E 174 15.39 -26.38 -27.51
N ARG E 175 15.82 -25.47 -28.38
CA ARG E 175 15.65 -25.47 -29.88
C ARG E 175 14.31 -24.84 -30.31
N ASP E 176 13.41 -24.54 -29.34
CA ASP E 176 12.22 -23.80 -29.69
C ASP E 176 12.39 -22.29 -29.65
N ALA E 177 13.44 -21.78 -29.01
CA ALA E 177 13.55 -20.34 -28.84
C ALA E 177 13.41 -19.59 -30.13
N GLY E 178 12.79 -18.46 -30.03
CA GLY E 178 12.61 -17.63 -31.23
C GLY E 178 11.34 -17.90 -31.94
N GLY E 179 10.71 -19.04 -31.68
CA GLY E 179 9.49 -19.43 -32.38
C GLY E 179 8.23 -18.74 -31.90
N PRO E 180 7.12 -19.03 -32.58
CA PRO E 180 5.90 -18.24 -32.36
C PRO E 180 5.04 -18.76 -31.26
N VAL E 181 4.35 -17.80 -30.61
CA VAL E 181 3.19 -18.03 -29.80
C VAL E 181 2.07 -17.27 -30.49
N VAL E 182 1.10 -18.00 -31.04
CA VAL E 182 0.05 -17.38 -31.82
C VAL E 182 -1.25 -17.52 -31.02
N CYS E 183 -1.96 -16.41 -30.89
CA CYS E 183 -3.24 -16.40 -30.19
C CYS E 183 -4.18 -15.58 -31.10
N ASN E 184 -5.34 -16.17 -31.41
CA ASN E 184 -6.36 -15.54 -32.20
C ASN E 184 -5.82 -15.01 -33.49
N GLY E 185 -5.01 -15.82 -34.16
CA GLY E 185 -4.40 -15.43 -35.43
C GLY E 185 -3.37 -14.31 -35.36
N GLN E 186 -2.80 -14.03 -34.19
CA GLN E 186 -1.82 -12.95 -34.06
C GLN E 186 -0.61 -13.45 -33.34
N LEU E 187 0.55 -12.98 -33.77
CA LEU E 187 1.79 -13.28 -33.08
C LEU E 187 1.88 -12.59 -31.72
N GLN E 188 1.64 -13.29 -30.65
CA GLN E 188 1.68 -12.65 -29.31
C GLN E 188 2.97 -12.84 -28.58
N GLY E 189 3.67 -13.94 -28.87
CA GLY E 189 4.91 -14.26 -28.13
C GLY E 189 6.02 -14.82 -28.95
N VAL E 190 7.22 -14.64 -28.43
CA VAL E 190 8.40 -15.29 -28.91
C VAL E 190 8.87 -16.24 -27.81
N VAL E 191 9.16 -17.47 -28.16
CA VAL E 191 9.74 -18.43 -27.22
C VAL E 191 11.08 -17.92 -26.68
N SER E 192 11.20 -17.85 -25.35
CA SER E 192 12.35 -17.22 -24.73
C SER E 192 13.02 -18.16 -23.74
N TRP E 193 12.46 -18.31 -22.53
CA TRP E 193 13.18 -19.05 -21.49
C TRP E 193 12.23 -19.74 -20.49
N GLY E 194 12.81 -20.53 -19.60
CA GLY E 194 12.10 -21.15 -18.46
C GLY E 194 13.13 -21.86 -17.63
N HIS E 195 12.80 -22.28 -16.41
CA HIS E 195 13.67 -23.07 -15.56
C HIS E 195 13.31 -24.51 -15.84
N GLY E 196 14.20 -25.18 -16.54
CA GLY E 196 13.88 -26.45 -17.17
C GLY E 196 12.89 -26.35 -18.29
N CYS E 197 12.25 -27.48 -18.59
CA CYS E 197 11.10 -27.53 -19.58
C CYS E 197 9.99 -28.37 -18.99
N ALA E 198 8.80 -27.75 -18.89
CA ALA E 198 7.59 -28.42 -18.45
C ALA E 198 7.67 -28.85 -17.00
N TRP E 199 8.52 -28.22 -16.20
CA TRP E 199 8.55 -28.51 -14.75
C TRP E 199 7.37 -27.81 -14.05
N LYS E 200 6.93 -28.49 -12.95
CA LYS E 200 5.85 -27.96 -12.13
C LYS E 200 6.25 -26.57 -11.65
N ASN E 201 5.32 -25.63 -11.70
CA ASN E 201 5.52 -24.24 -11.27
C ASN E 201 6.61 -23.42 -12.00
N ARG E 202 7.05 -23.83 -13.20
CA ARG E 202 8.05 -23.12 -13.93
C ARG E 202 7.55 -23.08 -15.37
N PRO E 203 6.54 -22.26 -15.63
CA PRO E 203 6.02 -22.21 -16.99
C PRO E 203 6.92 -21.45 -17.94
N GLY E 204 6.73 -21.66 -19.23
CA GLY E 204 7.50 -20.90 -20.23
C GLY E 204 7.26 -19.43 -20.13
N VAL E 205 8.32 -18.68 -20.35
CA VAL E 205 8.35 -17.24 -20.35
C VAL E 205 8.67 -16.83 -21.79
N TYR E 206 7.89 -15.89 -22.25
CA TYR E 206 7.81 -15.53 -23.67
C TYR E 206 7.94 -13.99 -23.76
N THR E 207 8.51 -13.52 -24.88
CA THR E 207 8.57 -12.10 -25.07
C THR E 207 7.25 -11.61 -25.64
N LYS E 208 6.75 -10.53 -25.08
CA LYS E 208 5.46 -9.97 -25.40
C LYS E 208 5.57 -9.08 -26.64
N VAL E 209 5.24 -9.65 -27.79
CA VAL E 209 5.44 -9.03 -29.06
C VAL E 209 4.65 -7.70 -29.13
N TYR E 210 3.51 -7.64 -28.51
CA TYR E 210 2.74 -6.43 -28.52
C TYR E 210 3.54 -5.18 -28.08
N ASN E 211 4.42 -5.33 -27.10
CA ASN E 211 5.21 -4.22 -26.63
C ASN E 211 6.21 -3.69 -27.62
N TYR E 212 6.44 -4.39 -28.73
CA TYR E 212 7.45 -4.09 -29.71
C TYR E 212 6.91 -3.73 -31.09
N VAL E 213 5.61 -3.61 -31.21
CA VAL E 213 5.02 -3.33 -32.50
C VAL E 213 5.56 -2.03 -33.10
N ASP E 214 5.66 -0.96 -32.31
CA ASP E 214 6.26 0.27 -32.82
C ASP E 214 7.74 0.09 -33.20
N TRP E 215 8.53 -0.61 -32.38
CA TRP E 215 9.93 -0.84 -32.69
C TRP E 215 10.10 -1.66 -33.97
N ILE E 216 9.24 -2.64 -34.15
CA ILE E 216 9.23 -3.48 -35.34
C ILE E 216 9.03 -2.64 -36.61
N LYS E 217 8.00 -1.82 -36.58
CA LYS E 217 7.74 -1.00 -37.74
C LYS E 217 8.83 0.04 -37.98
N ASP E 218 9.36 0.60 -36.92
CA ASP E 218 10.42 1.60 -37.06
C ASP E 218 11.64 0.96 -37.68
N THR E 219 11.97 -0.25 -37.20
CA THR E 219 13.16 -0.96 -37.64
C THR E 219 13.02 -1.38 -39.12
N ILE E 220 11.85 -1.93 -39.46
CA ILE E 220 11.56 -2.30 -40.84
C ILE E 220 11.66 -1.06 -41.75
N ALA E 221 11.06 0.05 -41.35
CA ALA E 221 11.07 1.26 -42.16
C ALA E 221 12.46 1.80 -42.33
N ALA E 222 13.25 1.76 -41.26
CA ALA E 222 14.60 2.27 -41.30
C ALA E 222 15.52 1.38 -42.16
N ASN E 223 15.13 0.15 -42.38
CA ASN E 223 15.97 -0.78 -43.12
C ASN E 223 15.31 -1.22 -44.41
N SER E 224 14.53 -0.31 -45.03
CA SER E 224 13.81 -0.59 -46.25
C SER E 224 14.43 0.27 -47.36
N HIS F 14 40.60 -28.58 -13.44
CA HIS F 14 39.97 -27.28 -13.25
C HIS F 14 38.65 -27.43 -12.50
N SER F 15 38.30 -26.45 -11.68
CA SER F 15 37.06 -26.54 -10.93
C SER F 15 35.82 -26.68 -11.84
N PHE F 16 35.77 -25.98 -12.97
CA PHE F 16 34.64 -26.10 -13.89
C PHE F 16 34.45 -27.49 -14.52
N CYS F 17 35.49 -28.29 -14.74
CA CYS F 17 35.29 -29.63 -15.30
C CYS F 17 34.36 -30.46 -14.40
N ALA F 18 34.50 -30.39 -13.08
CA ALA F 18 33.57 -31.01 -12.14
C ALA F 18 32.12 -30.48 -12.19
N PHE F 19 31.88 -29.23 -12.58
CA PHE F 19 30.53 -28.71 -12.64
C PHE F 19 29.68 -29.49 -13.64
N LYS F 20 28.40 -29.66 -13.31
CA LYS F 20 27.49 -30.36 -14.18
C LYS F 20 27.14 -29.51 -15.37
N ALA F 21 27.08 -30.13 -16.53
CA ALA F 21 26.71 -29.46 -17.75
C ALA F 21 25.41 -28.69 -17.52
N ASP F 22 25.32 -27.47 -18.01
CA ASP F 22 24.18 -26.65 -17.75
C ASP F 22 23.74 -25.99 -19.07
N ASP F 23 22.57 -26.39 -19.54
CA ASP F 23 21.99 -25.80 -20.71
C ASP F 23 21.41 -24.42 -20.48
N GLY F 24 21.21 -24.03 -19.21
CA GLY F 24 20.74 -22.70 -18.85
C GLY F 24 19.25 -22.58 -19.15
N PRO F 25 18.70 -21.41 -18.88
CA PRO F 25 17.24 -21.22 -18.98
C PRO F 25 16.74 -20.84 -20.40
N CYS F 26 17.63 -20.34 -21.23
CA CYS F 26 17.27 -19.96 -22.58
C CYS F 26 17.01 -21.18 -23.41
N ARG F 27 16.32 -20.97 -24.51
CA ARG F 27 15.77 -22.07 -25.30
C ARG F 27 16.24 -22.26 -26.71
N ALA F 28 17.43 -21.73 -26.95
CA ALA F 28 18.14 -22.07 -28.21
C ALA F 28 18.75 -23.47 -28.11
N CYS F 29 19.23 -23.97 -29.24
CA CYS F 29 20.15 -25.12 -29.23
C CYS F 29 21.41 -24.71 -29.92
N MET F 30 22.30 -24.10 -29.14
CA MET F 30 23.64 -23.76 -29.63
C MET F 30 24.53 -24.99 -29.33
N LYS F 31 25.08 -25.61 -30.37
CA LYS F 31 25.92 -26.76 -30.17
C LYS F 31 27.17 -26.42 -29.40
N ARG F 32 27.37 -27.08 -28.29
CA ARG F 32 28.51 -26.89 -27.42
C ARG F 32 28.98 -28.24 -26.91
N PHE F 33 30.12 -28.25 -26.26
CA PHE F 33 30.66 -29.43 -25.67
C PHE F 33 30.90 -29.21 -24.23
N PHE F 34 30.71 -30.28 -23.45
CA PHE F 34 31.06 -30.28 -22.06
C PHE F 34 31.85 -31.53 -21.74
N PHE F 35 32.55 -31.47 -20.61
CA PHE F 35 33.32 -32.55 -20.07
C PHE F 35 32.42 -33.35 -19.16
N ASN F 36 32.22 -34.61 -19.54
CA ASN F 36 31.41 -35.53 -18.80
C ASN F 36 32.27 -36.29 -17.83
N ILE F 37 32.10 -36.02 -16.53
CA ILE F 37 32.87 -36.66 -15.44
C ILE F 37 32.63 -38.18 -15.37
N PHE F 38 31.47 -38.67 -15.76
CA PHE F 38 31.21 -40.13 -15.72
C PHE F 38 31.95 -40.89 -16.84
N THR F 39 31.93 -40.36 -18.06
CA THR F 39 32.59 -41.03 -19.18
C THR F 39 34.03 -40.56 -19.31
N ARG F 40 34.38 -39.46 -18.64
CA ARG F 40 35.67 -38.79 -18.86
C ARG F 40 35.89 -38.43 -20.36
N GLN F 41 34.82 -38.12 -21.07
CA GLN F 41 34.88 -37.72 -22.48
C GLN F 41 34.13 -36.36 -22.65
N CYS F 42 34.42 -35.69 -23.75
CA CYS F 42 33.76 -34.47 -24.17
C CYS F 42 32.54 -34.89 -24.93
N GLU F 43 31.45 -34.19 -24.73
CA GLU F 43 30.19 -34.63 -25.27
C GLU F 43 29.44 -33.40 -25.74
N GLU F 44 28.67 -33.54 -26.81
CA GLU F 44 27.92 -32.46 -27.39
C GLU F 44 26.64 -32.23 -26.55
N PHE F 45 26.21 -31.00 -26.41
CA PHE F 45 24.89 -30.68 -25.84
C PHE F 45 24.33 -29.40 -26.44
N CYS F 46 23.01 -29.22 -26.26
CA CYS F 46 22.31 -28.01 -26.61
C CYS F 46 22.45 -27.04 -25.51
N TYR F 47 23.26 -26.03 -25.73
CA TYR F 47 23.37 -24.95 -24.80
C TYR F 47 22.22 -23.96 -25.19
N GLY F 48 21.48 -23.50 -24.22
CA GLY F 48 20.29 -22.70 -24.52
C GLY F 48 20.57 -21.27 -24.94
N GLY F 49 21.80 -20.79 -24.72
CA GLY F 49 22.25 -19.47 -25.23
C GLY F 49 22.45 -18.41 -24.18
N CYS F 50 22.25 -18.72 -22.90
CA CYS F 50 22.51 -17.80 -21.84
C CYS F 50 22.81 -18.55 -20.54
N GLU F 51 23.44 -17.85 -19.61
CA GLU F 51 23.78 -18.35 -18.30
C GLU F 51 24.62 -19.62 -18.48
N GLY F 52 24.39 -20.66 -17.70
CA GLY F 52 25.20 -21.88 -17.78
C GLY F 52 26.47 -21.69 -16.95
N ASN F 53 27.47 -22.53 -17.21
CA ASN F 53 28.71 -22.43 -16.41
C ASN F 53 29.88 -22.72 -17.35
N GLN F 54 31.11 -22.65 -16.80
CA GLN F 54 32.28 -22.71 -17.65
C GLN F 54 32.60 -24.17 -18.17
N ASN F 55 31.77 -25.14 -17.81
CA ASN F 55 31.99 -26.43 -18.40
C ASN F 55 31.25 -26.41 -19.76
N ARG F 56 31.64 -25.48 -20.64
CA ARG F 56 31.02 -25.33 -21.94
C ARG F 56 32.08 -24.88 -22.95
N PHE F 57 32.23 -25.58 -24.08
CA PHE F 57 33.25 -25.26 -25.10
C PHE F 57 32.68 -25.32 -26.50
N GLU F 58 33.27 -24.56 -27.42
CA GLU F 58 32.81 -24.53 -28.81
C GLU F 58 33.17 -25.77 -29.62
N SER F 59 34.26 -26.42 -29.28
CA SER F 59 34.74 -27.54 -30.10
C SER F 59 35.14 -28.68 -29.19
N LEU F 60 35.12 -29.89 -29.74
CA LEU F 60 35.69 -31.09 -29.08
C LEU F 60 37.14 -30.83 -28.72
N GLU F 61 37.91 -30.25 -29.67
CA GLU F 61 39.34 -29.94 -29.43
C GLU F 61 39.56 -29.07 -28.18
N GLU F 62 38.81 -27.96 -28.06
CA GLU F 62 38.93 -27.03 -26.89
C GLU F 62 38.63 -27.74 -25.59
N CYS F 63 37.54 -28.50 -25.59
CA CYS F 63 37.14 -29.26 -24.41
C CYS F 63 38.26 -30.25 -24.01
N LYS F 64 38.74 -31.04 -24.97
CA LYS F 64 39.83 -32.03 -24.74
C LYS F 64 41.09 -31.36 -24.17
N LYS F 65 41.49 -30.20 -24.73
CA LYS F 65 42.62 -29.39 -24.20
C LYS F 65 42.41 -28.89 -22.76
N MET F 66 41.23 -28.37 -22.46
CA MET F 66 40.96 -27.82 -21.12
C MET F 66 40.68 -28.89 -20.05
N CYS F 67 40.30 -30.10 -20.50
CA CYS F 67 39.77 -31.14 -19.63
C CYS F 67 40.26 -32.47 -20.22
N ILE G 1 -7.38 27.33 26.78
CA ILE G 1 -6.71 28.26 27.71
C ILE G 1 -6.48 29.56 26.98
N VAL G 2 -7.08 30.63 27.51
CA VAL G 2 -6.92 31.98 26.94
C VAL G 2 -5.90 32.71 27.80
N GLY G 3 -4.95 33.36 27.14
CA GLY G 3 -3.93 34.17 27.83
C GLY G 3 -2.87 33.32 28.53
N GLY G 4 -2.70 32.08 28.07
CA GLY G 4 -1.75 31.18 28.68
C GLY G 4 -0.44 31.13 27.98
N TYR G 5 0.29 30.05 28.22
CA TYR G 5 1.52 29.77 27.50
C TYR G 5 1.54 28.28 27.18
N THR G 6 2.39 27.88 26.26
CA THR G 6 2.54 26.46 25.95
C THR G 6 3.36 25.75 27.03
N CYS G 7 2.78 24.69 27.56
CA CYS G 7 3.41 23.91 28.59
C CYS G 7 4.67 23.31 27.98
N GLU G 8 5.73 23.24 28.78
CA GLU G 8 6.88 22.41 28.43
C GLU G 8 6.38 20.96 28.21
N GLU G 9 6.93 20.32 27.19
CA GLU G 9 6.48 19.00 26.74
C GLU G 9 6.57 17.97 27.90
N ASN G 10 5.45 17.34 28.17
CA ASN G 10 5.32 16.34 29.16
C ASN G 10 5.60 16.84 30.60
N SER G 11 5.50 18.15 30.85
CA SER G 11 5.78 18.68 32.16
C SER G 11 4.55 18.55 33.09
N LEU G 12 3.38 18.22 32.56
CA LEU G 12 2.19 17.93 33.34
C LEU G 12 1.73 16.48 33.05
N PRO G 13 2.43 15.50 33.62
CA PRO G 13 2.18 14.11 33.26
C PRO G 13 0.83 13.55 33.71
N TYR G 14 0.15 14.26 34.57
CA TYR G 14 -1.19 13.92 35.02
C TYR G 14 -2.26 14.40 34.05
N GLN G 15 -1.90 15.18 33.04
CA GLN G 15 -2.92 15.73 32.16
C GLN G 15 -3.29 14.72 31.12
N VAL G 16 -4.59 14.39 31.02
CA VAL G 16 -5.09 13.51 30.03
C VAL G 16 -6.16 14.17 29.17
N SER G 17 -6.45 13.50 28.08
CA SER G 17 -7.57 13.93 27.23
C SER G 17 -8.62 12.85 27.08
N LEU G 18 -9.88 13.30 26.93
CA LEU G 18 -11.01 12.43 26.66
C LEU G 18 -11.35 12.54 25.19
N ASN G 19 -11.49 11.37 24.55
CA ASN G 19 -11.66 11.31 23.15
C ASN G 19 -12.82 10.45 22.75
N SER G 20 -13.58 10.94 21.77
CA SER G 20 -14.66 10.19 21.19
C SER G 20 -14.90 10.74 19.80
N GLY G 21 -14.13 10.31 18.81
CA GLY G 21 -14.21 10.97 17.51
C GLY G 21 -13.21 12.09 17.46
N SER G 22 -13.13 12.91 18.52
CA SER G 22 -12.08 13.93 18.63
C SER G 22 -11.79 14.17 20.09
N HIS G 23 -10.83 15.05 20.37
CA HIS G 23 -10.56 15.55 21.73
C HIS G 23 -11.70 16.45 22.13
N PHE G 24 -12.40 16.13 23.21
CA PHE G 24 -13.59 16.89 23.60
C PHE G 24 -13.53 17.44 25.06
N CYS G 25 -12.65 16.88 25.89
CA CYS G 25 -12.48 17.30 27.27
C CYS G 25 -11.12 16.85 27.76
N GLY G 26 -10.73 17.38 28.90
CA GLY G 26 -9.53 17.02 29.62
C GLY G 26 -9.95 16.18 30.81
N GLY G 27 -8.90 15.76 31.51
CA GLY G 27 -9.00 15.04 32.74
C GLY G 27 -7.64 14.97 33.40
N SER G 28 -7.67 14.39 34.61
CA SER G 28 -6.51 14.26 35.46
C SER G 28 -6.39 12.81 35.93
N LEU G 29 -5.18 12.30 35.77
CA LEU G 29 -4.85 10.94 36.24
C LEU G 29 -4.58 11.00 37.72
N ILE G 30 -5.45 10.37 38.49
CA ILE G 30 -5.30 10.37 39.94
C ILE G 30 -4.82 9.09 40.56
N SER G 31 -4.90 8.02 39.80
CA SER G 31 -4.27 6.77 40.23
C SER G 31 -3.85 6.05 38.97
N GLU G 32 -3.26 4.89 39.08
CA GLU G 32 -2.85 4.14 37.88
C GLU G 32 -4.01 3.92 36.95
N GLN G 33 -5.18 3.65 37.51
CA GLN G 33 -6.30 3.21 36.69
C GLN G 33 -7.49 4.16 36.73
N TRP G 34 -7.33 5.33 37.29
CA TRP G 34 -8.46 6.23 37.44
C TRP G 34 -8.17 7.69 37.05
N VAL G 35 -9.18 8.29 36.42
CA VAL G 35 -9.14 9.66 35.91
C VAL G 35 -10.34 10.42 36.46
N VAL G 36 -10.08 11.65 36.93
CA VAL G 36 -11.13 12.57 37.32
C VAL G 36 -11.41 13.55 36.20
N SER G 37 -12.68 13.78 35.90
CA SER G 37 -13.08 14.79 34.90
C SER G 37 -14.40 15.42 35.32
N ALA G 38 -15.05 16.17 34.42
CA ALA G 38 -16.30 16.83 34.76
C ALA G 38 -17.45 15.95 34.32
N ALA G 39 -18.54 15.99 35.07
CA ALA G 39 -19.73 15.20 34.69
C ALA G 39 -20.31 15.61 33.36
N HIS G 40 -20.18 16.89 32.99
CA HIS G 40 -20.75 17.34 31.75
C HIS G 40 -19.93 16.87 30.54
N CYS G 41 -18.76 16.23 30.78
CA CYS G 41 -18.01 15.56 29.76
C CYS G 41 -18.47 14.13 29.55
N TYR G 42 -19.53 13.71 30.23
CA TYR G 42 -19.96 12.34 30.12
C TYR G 42 -20.31 11.92 28.70
N LYS G 43 -19.79 10.78 28.31
CA LYS G 43 -20.24 10.00 27.15
C LYS G 43 -20.15 8.55 27.54
N THR G 44 -20.90 7.72 26.82
CA THR G 44 -20.99 6.32 27.14
C THR G 44 -19.74 5.53 26.78
N ARG G 45 -18.99 5.98 25.78
CA ARG G 45 -17.74 5.38 25.34
C ARG G 45 -16.68 6.48 25.33
N ILE G 46 -15.56 6.27 25.99
CA ILE G 46 -14.47 7.27 25.97
C ILE G 46 -13.12 6.58 25.80
N GLN G 47 -12.29 7.06 24.89
CA GLN G 47 -10.85 6.76 24.87
C GLN G 47 -10.06 7.84 25.64
N VAL G 48 -9.34 7.43 26.67
CA VAL G 48 -8.46 8.33 27.36
C VAL G 48 -7.07 8.30 26.68
N ARG G 49 -6.53 9.47 26.44
CA ARG G 49 -5.16 9.61 25.99
C ARG G 49 -4.24 10.25 27.02
N LEU G 50 -3.10 9.64 27.23
CA LEU G 50 -2.16 10.06 28.27
C LEU G 50 -0.80 10.29 27.66
N GLY G 51 -0.01 11.14 28.30
CA GLY G 51 1.33 11.46 27.84
C GLY G 51 1.40 12.34 26.62
N GLU G 52 0.31 13.05 26.33
CA GLU G 52 0.25 13.86 25.12
C GLU G 52 0.88 15.21 25.31
N HIS G 53 1.45 15.76 24.26
CA HIS G 53 1.75 17.13 24.21
C HIS G 53 1.03 17.77 23.02
N ASN G 54 1.42 17.39 21.81
CA ASN G 54 0.76 17.84 20.61
C ASN G 54 -0.24 16.75 20.22
N ILE G 55 -1.51 17.07 20.26
CA ILE G 55 -2.56 16.08 20.06
C ILE G 55 -2.67 15.62 18.63
N LYS G 56 -2.17 16.37 17.68
CA LYS G 56 -2.15 15.96 16.27
C LYS G 56 -0.84 15.30 15.84
N VAL G 57 0.30 15.77 16.33
CA VAL G 57 1.60 15.19 15.91
C VAL G 57 2.12 14.33 17.06
N LEU G 58 1.78 13.03 17.02
CA LEU G 58 2.11 12.10 18.09
C LEU G 58 3.59 11.75 18.05
N GLU G 59 4.22 11.67 19.21
CA GLU G 59 5.61 11.26 19.32
C GLU G 59 5.76 9.77 19.26
N GLY G 60 4.70 9.02 19.56
CA GLY G 60 4.74 7.56 19.63
C GLY G 60 4.95 7.00 21.01
N ASN G 61 4.95 7.86 22.02
CA ASN G 61 5.17 7.41 23.38
C ASN G 61 3.92 7.63 24.23
N GLU G 62 2.83 8.06 23.64
CA GLU G 62 1.58 8.34 24.30
C GLU G 62 0.86 7.03 24.68
N GLN G 63 -0.08 7.08 25.61
CA GLN G 63 -0.85 5.88 25.97
C GLN G 63 -2.32 6.12 25.65
N PHE G 64 -2.98 5.18 25.04
CA PHE G 64 -4.39 5.28 24.63
C PHE G 64 -5.06 4.14 25.37
N ILE G 65 -6.01 4.47 26.24
CA ILE G 65 -6.68 3.44 27.05
C ILE G 65 -8.19 3.71 27.08
N ASN G 66 -8.99 2.76 26.73
CA ASN G 66 -10.43 2.92 26.78
C ASN G 66 -10.95 3.00 28.21
N ALA G 67 -11.98 3.80 28.41
CA ALA G 67 -12.72 3.77 29.66
C ALA G 67 -13.44 2.45 29.80
N ALA G 68 -13.20 1.73 30.89
CA ALA G 68 -14.01 0.58 31.28
C ALA G 68 -15.27 0.98 32.06
N LYS G 69 -15.20 2.00 32.93
CA LYS G 69 -16.37 2.51 33.65
C LYS G 69 -16.30 4.01 33.68
N ILE G 70 -17.44 4.65 33.63
CA ILE G 70 -17.56 6.11 33.51
C ILE G 70 -18.68 6.48 34.44
N ILE G 71 -18.35 7.17 35.52
CA ILE G 71 -19.26 7.31 36.67
C ILE G 71 -19.38 8.80 36.98
N ARG G 72 -20.49 9.39 36.60
CA ARG G 72 -20.84 10.73 37.06
C ARG G 72 -21.22 10.70 38.52
N HIS G 73 -20.94 11.81 39.21
CA HIS G 73 -21.46 11.97 40.55
C HIS G 73 -22.95 11.78 40.52
N PRO G 74 -23.49 10.98 41.46
CA PRO G 74 -24.92 10.73 41.37
C PRO G 74 -25.83 11.92 41.69
N LYS G 75 -25.29 12.99 42.28
CA LYS G 75 -26.01 14.24 42.54
C LYS G 75 -25.66 15.32 41.56
N TYR G 76 -25.00 14.97 40.45
CA TYR G 76 -24.79 15.92 39.39
C TYR G 76 -26.12 16.46 38.87
N ASN G 77 -26.20 17.75 38.64
CA ASN G 77 -27.49 18.41 38.26
C ASN G 77 -27.16 19.27 37.06
N ARG G 78 -27.81 18.95 35.91
CA ARG G 78 -27.59 19.60 34.62
C ARG G 78 -28.02 21.09 34.60
N ASP G 79 -28.95 21.51 35.43
CA ASP G 79 -29.39 22.92 35.43
C ASP G 79 -28.48 23.84 36.27
N THR G 80 -28.13 23.39 37.47
CA THR G 80 -27.32 24.21 38.41
C THR G 80 -25.82 23.97 38.19
N LEU G 81 -25.49 22.88 37.51
CA LEU G 81 -24.12 22.36 37.41
C LEU G 81 -23.48 21.93 38.74
N ASP G 82 -24.31 21.69 39.72
CA ASP G 82 -23.87 21.23 40.98
C ASP G 82 -23.21 19.81 40.81
N ASN G 83 -22.15 19.57 41.55
CA ASN G 83 -21.47 18.26 41.60
C ASN G 83 -20.95 17.86 40.24
N ASP G 84 -20.29 18.80 39.53
CA ASP G 84 -19.89 18.54 38.16
C ASP G 84 -18.55 17.78 38.19
N ILE G 85 -18.63 16.49 38.48
CA ILE G 85 -17.43 15.67 38.63
C ILE G 85 -17.80 14.25 38.23
N MET G 86 -16.81 13.56 37.67
CA MET G 86 -16.95 12.23 37.15
C MET G 86 -15.63 11.47 37.26
N LEU G 87 -15.76 10.17 37.45
CA LEU G 87 -14.60 9.31 37.49
C LEU G 87 -14.65 8.37 36.29
N ILE G 88 -13.46 8.15 35.73
CA ILE G 88 -13.28 7.15 34.68
C ILE G 88 -12.32 6.08 35.19
N LYS G 89 -12.73 4.80 35.11
CA LYS G 89 -11.82 3.67 35.34
C LYS G 89 -11.33 3.24 33.96
N LEU G 90 -10.02 3.30 33.78
CA LEU G 90 -9.33 2.87 32.60
C LEU G 90 -9.41 1.36 32.53
N SER G 91 -9.47 0.81 31.32
CA SER G 91 -9.64 -0.63 31.20
C SER G 91 -8.38 -1.36 31.59
N SER G 92 -7.21 -0.73 31.51
CA SER G 92 -6.02 -1.25 32.13
C SER G 92 -5.27 -0.10 32.83
N PRO G 93 -4.47 -0.44 33.85
CA PRO G 93 -3.68 0.60 34.49
C PRO G 93 -2.77 1.29 33.45
N ALA G 94 -2.65 2.59 33.52
CA ALA G 94 -1.59 3.31 32.81
C ALA G 94 -0.19 2.87 33.25
N VAL G 95 0.77 2.96 32.35
CA VAL G 95 2.19 2.69 32.68
C VAL G 95 2.71 4.03 33.22
N ILE G 96 3.14 4.05 34.46
CA ILE G 96 3.65 5.22 35.13
C ILE G 96 5.10 5.48 34.73
N ASN G 97 5.40 6.66 34.17
CA ASN G 97 6.77 6.95 33.73
C ASN G 97 6.95 8.48 33.82
N ALA G 98 8.05 9.03 33.28
CA ALA G 98 8.31 10.46 33.35
C ALA G 98 7.18 11.29 32.68
N ARG G 99 6.43 10.71 31.75
CA ARG G 99 5.41 11.47 31.00
C ARG G 99 3.97 11.19 31.41
N VAL G 100 3.75 10.16 32.22
CA VAL G 100 2.45 9.75 32.62
C VAL G 100 2.55 9.37 34.10
N SER G 101 1.96 10.19 34.96
CA SER G 101 1.98 9.96 36.40
C SER G 101 0.84 10.69 37.04
N THR G 102 0.62 10.38 38.32
CA THR G 102 -0.61 10.82 38.95
C THR G 102 -0.47 12.17 39.61
N ILE G 103 -1.61 12.80 39.86
CA ILE G 103 -1.66 14.01 40.66
C ILE G 103 -2.34 13.68 42.01
N SER G 104 -1.73 14.15 43.08
CA SER G 104 -2.27 13.99 44.42
C SER G 104 -3.63 14.66 44.64
N LEU G 105 -4.50 13.95 45.34
CA LEU G 105 -5.76 14.52 45.83
C LEU G 105 -5.48 15.56 46.90
N PRO G 106 -6.39 16.51 47.10
CA PRO G 106 -6.15 17.62 48.03
C PRO G 106 -6.39 17.19 49.44
N THR G 107 -5.55 17.69 50.34
CA THR G 107 -5.70 17.42 51.77
C THR G 107 -6.35 18.60 52.50
N ALA G 108 -6.60 19.70 51.81
CA ALA G 108 -7.26 20.84 52.39
C ALA G 108 -7.95 21.53 51.22
N PRO G 109 -9.06 22.23 51.47
CA PRO G 109 -9.67 22.96 50.35
C PRO G 109 -8.81 24.14 49.89
N PRO G 110 -9.16 24.71 48.77
CA PRO G 110 -8.30 25.76 48.22
C PRO G 110 -8.36 27.04 48.97
N ALA G 111 -7.22 27.66 49.27
CA ALA G 111 -7.28 28.93 49.97
C ALA G 111 -7.22 30.05 48.95
N ALA G 112 -8.07 31.07 49.16
CA ALA G 112 -8.08 32.29 48.39
C ALA G 112 -6.66 32.84 48.26
N GLY G 113 -6.23 33.13 47.04
CA GLY G 113 -4.93 33.73 46.80
C GLY G 113 -3.88 32.70 46.45
N THR G 114 -4.17 31.41 46.63
CA THR G 114 -3.23 30.37 46.29
C THR G 114 -3.08 30.35 44.76
N GLU G 115 -1.84 30.27 44.28
CA GLU G 115 -1.54 30.22 42.86
C GLU G 115 -1.73 28.76 42.37
N CYS G 116 -2.47 28.62 41.29
CA CYS G 116 -2.73 27.34 40.71
C CYS G 116 -2.29 27.26 39.25
N LEU G 117 -2.26 26.04 38.73
CA LEU G 117 -1.91 25.79 37.36
C LEU G 117 -3.09 25.12 36.68
N ILE G 118 -3.61 25.76 35.62
CA ILE G 118 -4.74 25.28 34.86
C ILE G 118 -4.25 24.91 33.50
N SER G 119 -4.69 23.80 32.93
CA SER G 119 -4.14 23.35 31.67
C SER G 119 -5.16 22.66 30.77
N GLY G 120 -4.88 22.70 29.46
CA GLY G 120 -5.69 21.98 28.49
C GLY G 120 -5.49 22.44 27.07
N TRP G 121 -6.22 21.80 26.17
CA TRP G 121 -6.21 22.10 24.76
C TRP G 121 -7.44 22.90 24.32
N GLY G 122 -7.96 23.74 25.21
CA GLY G 122 -9.15 24.54 24.92
C GLY G 122 -8.83 25.74 24.07
N ASN G 123 -9.90 26.40 23.64
CA ASN G 123 -9.82 27.58 22.81
C ASN G 123 -8.91 28.62 23.47
N THR G 124 -8.12 29.29 22.64
CA THR G 124 -7.20 30.31 23.13
C THR G 124 -7.73 31.71 22.94
N LEU G 125 -8.92 31.88 22.36
CA LEU G 125 -9.51 33.18 22.09
C LEU G 125 -10.81 33.40 22.90
N SER G 126 -10.96 34.64 23.39
CA SER G 126 -12.22 35.06 24.01
C SER G 126 -13.31 35.32 22.98
N PHE G 127 -12.94 35.80 21.81
CA PHE G 127 -13.94 36.22 20.80
C PHE G 127 -13.60 35.70 19.44
N GLY G 128 -13.26 34.44 19.36
CA GLY G 128 -12.95 33.76 18.13
C GLY G 128 -12.75 32.32 18.47
N ALA G 129 -12.37 31.54 17.47
CA ALA G 129 -12.14 30.12 17.69
C ALA G 129 -10.76 29.71 17.22
N ASP G 130 -9.82 29.54 18.14
CA ASP G 130 -8.50 29.04 17.78
C ASP G 130 -8.22 27.90 18.74
N TYR G 131 -8.12 26.67 18.25
CA TYR G 131 -7.88 25.52 19.12
C TYR G 131 -6.48 25.02 18.88
N PRO G 132 -5.68 24.99 19.94
CA PRO G 132 -4.26 24.64 19.81
C PRO G 132 -4.07 23.14 19.79
N ASP G 133 -3.07 22.66 19.08
CA ASP G 133 -2.63 21.29 19.14
C ASP G 133 -1.75 20.96 20.35
N GLU G 134 -1.03 21.99 20.86
CA GLU G 134 -0.10 21.82 21.96
C GLU G 134 -0.75 22.25 23.24
N LEU G 135 -0.43 21.51 24.28
CA LEU G 135 -1.04 21.74 25.59
C LEU G 135 -0.69 23.11 26.14
N LYS G 136 -1.72 23.82 26.62
CA LYS G 136 -1.54 25.15 27.18
C LYS G 136 -1.71 25.13 28.69
N CYS G 137 -1.02 26.09 29.30
CA CYS G 137 -0.89 26.25 30.72
C CYS G 137 -1.26 27.69 31.08
N LEU G 138 -1.91 27.84 32.23
CA LEU G 138 -2.25 29.12 32.77
C LEU G 138 -1.96 29.16 34.29
N ASP G 139 -1.23 30.16 34.78
CA ASP G 139 -0.98 30.27 36.21
C ASP G 139 -2.05 31.25 36.67
N ALA G 140 -2.87 30.90 37.65
CA ALA G 140 -3.91 31.81 38.13
C ALA G 140 -4.23 31.61 39.61
N PRO G 141 -4.73 32.66 40.31
CA PRO G 141 -5.03 32.51 41.71
C PRO G 141 -6.49 32.12 41.97
N VAL G 142 -6.68 31.41 43.06
CA VAL G 142 -7.99 31.14 43.63
C VAL G 142 -8.59 32.44 44.14
N LEU G 143 -9.84 32.67 43.82
CA LEU G 143 -10.52 33.89 44.24
C LEU G 143 -11.28 33.60 45.48
N THR G 144 -11.62 34.64 46.23
CA THR G 144 -12.47 34.48 47.41
C THR G 144 -13.85 34.02 46.98
N GLN G 145 -14.54 33.33 47.88
CA GLN G 145 -15.90 32.92 47.58
C GLN G 145 -16.83 34.13 47.35
N ALA G 146 -16.54 35.24 48.00
CA ALA G 146 -17.31 36.45 47.82
C ALA G 146 -17.17 37.04 46.40
N GLU G 147 -15.95 37.07 45.87
CA GLU G 147 -15.68 37.46 44.49
C GLU G 147 -16.36 36.48 43.48
N CYS G 148 -16.31 35.21 43.81
CA CYS G 148 -16.95 34.19 43.01
C CYS G 148 -18.45 34.38 42.92
N LYS G 149 -19.08 34.47 44.08
CA LYS G 149 -20.53 34.66 44.19
C LYS G 149 -21.01 35.98 43.55
N ALA G 150 -20.28 37.07 43.73
CA ALA G 150 -20.59 38.34 43.08
C ALA G 150 -20.49 38.24 41.55
N SER G 151 -19.49 37.54 41.03
CA SER G 151 -19.36 37.35 39.59
C SER G 151 -20.55 36.60 39.00
N TYR G 152 -21.14 35.68 39.76
CA TYR G 152 -22.24 34.85 39.30
C TYR G 152 -23.34 34.76 40.36
N PRO G 153 -24.09 35.83 40.55
CA PRO G 153 -25.07 35.81 41.66
C PRO G 153 -26.10 34.67 41.57
N GLY G 154 -26.32 33.98 42.68
CA GLY G 154 -27.25 32.87 42.70
C GLY G 154 -26.78 31.58 42.03
N LYS G 155 -25.61 31.54 41.43
CA LYS G 155 -25.21 30.37 40.62
C LYS G 155 -24.13 29.45 41.25
N ILE G 156 -23.42 29.97 42.26
CA ILE G 156 -22.28 29.26 42.86
C ILE G 156 -22.76 28.37 43.98
N THR G 157 -22.64 27.07 43.79
CA THR G 157 -22.97 26.12 44.84
C THR G 157 -21.74 25.84 45.66
N ASN G 158 -21.91 25.10 46.73
CA ASN G 158 -20.78 24.63 47.58
C ASN G 158 -19.80 23.74 46.82
N SER G 159 -20.22 23.14 45.72
CA SER G 159 -19.31 22.28 44.94
C SER G 159 -18.38 23.08 44.03
N MET G 160 -18.49 24.40 43.99
CA MET G 160 -17.77 25.24 43.07
C MET G 160 -16.86 26.28 43.73
N PHE G 161 -15.81 26.66 43.00
CA PHE G 161 -14.99 27.80 43.34
C PHE G 161 -14.44 28.43 42.07
N CYS G 162 -14.01 29.69 42.21
CA CYS G 162 -13.47 30.48 41.14
C CYS G 162 -11.97 30.60 41.22
N VAL G 163 -11.35 30.53 40.05
CA VAL G 163 -9.92 30.72 39.84
C VAL G 163 -9.79 31.59 38.60
N GLY G 164 -8.94 32.61 38.68
CA GLY G 164 -8.70 33.44 37.53
C GLY G 164 -8.49 34.90 37.87
N PHE G 165 -8.96 35.78 36.98
CA PHE G 165 -8.69 37.22 37.01
C PHE G 165 -9.96 38.00 36.69
N LEU G 166 -10.45 38.78 37.64
CA LEU G 166 -11.64 39.61 37.46
C LEU G 166 -11.46 40.62 36.31
N GLU G 167 -10.23 41.05 36.06
CA GLU G 167 -9.95 41.94 34.93
C GLU G 167 -10.09 41.28 33.55
N GLY G 168 -10.25 39.95 33.47
CA GLY G 168 -10.43 39.29 32.19
C GLY G 168 -9.09 39.03 31.54
N GLY G 169 -9.11 38.32 30.41
CA GLY G 169 -7.90 38.05 29.62
C GLY G 169 -7.21 36.74 29.84
N LYS G 170 -7.49 36.07 30.96
CA LYS G 170 -6.87 34.77 31.24
C LYS G 170 -7.87 33.82 31.88
N ASP G 171 -8.06 32.65 31.27
CA ASP G 171 -9.12 31.73 31.70
C ASP G 171 -8.95 30.42 30.99
N SER G 172 -9.69 29.42 31.46
CA SER G 172 -9.88 28.22 30.68
C SER G 172 -11.06 28.49 29.73
N CYS G 173 -11.31 27.56 28.84
CA CYS G 173 -12.30 27.78 27.77
C CYS G 173 -12.79 26.45 27.20
N GLN G 174 -13.65 26.49 26.17
CA GLN G 174 -14.27 25.27 25.64
C GLN G 174 -13.12 24.33 25.15
N ARG G 175 -13.29 23.05 25.46
CA ARG G 175 -12.33 21.94 25.29
C ARG G 175 -11.37 21.78 26.45
N ASP G 176 -11.39 22.71 27.40
CA ASP G 176 -10.63 22.52 28.64
C ASP G 176 -11.42 21.79 29.72
N ALA G 177 -12.72 21.68 29.62
CA ALA G 177 -13.52 21.12 30.66
C ALA G 177 -13.01 19.75 31.06
N GLY G 178 -13.09 19.49 32.36
CA GLY G 178 -12.65 18.26 32.89
C GLY G 178 -11.21 18.24 33.29
N GLY G 179 -10.45 19.23 32.83
CA GLY G 179 -9.02 19.29 33.11
C GLY G 179 -8.67 19.79 34.52
N PRO G 180 -7.37 19.78 34.82
CA PRO G 180 -6.92 20.01 36.16
C PRO G 180 -6.70 21.45 36.49
N VAL G 181 -6.98 21.76 37.78
CA VAL G 181 -6.47 22.92 38.46
C VAL G 181 -5.61 22.39 39.59
N VAL G 182 -4.30 22.63 39.47
CA VAL G 182 -3.36 22.10 40.44
C VAL G 182 -2.80 23.25 41.26
N CYS G 183 -2.81 23.12 42.57
CA CYS G 183 -2.27 24.10 43.49
C CYS G 183 -1.41 23.35 44.50
N ASN G 184 -0.17 23.78 44.63
CA ASN G 184 0.79 23.20 45.54
C ASN G 184 0.85 21.69 45.42
N GLY G 185 0.96 21.24 44.18
CA GLY G 185 1.06 19.82 43.93
C GLY G 185 -0.20 19.00 44.20
N GLN G 186 -1.37 19.62 44.27
CA GLN G 186 -2.59 18.88 44.56
C GLN G 186 -3.67 19.27 43.57
N LEU G 187 -4.46 18.30 43.18
CA LEU G 187 -5.61 18.56 42.36
C LEU G 187 -6.72 19.27 43.14
N GLN G 188 -6.87 20.57 42.97
CA GLN G 188 -7.93 21.30 43.69
C GLN G 188 -9.21 21.47 42.88
N GLY G 189 -9.07 21.53 41.53
CA GLY G 189 -10.22 21.85 40.70
C GLY G 189 -10.34 21.05 39.43
N VAL G 190 -11.59 20.93 38.97
CA VAL G 190 -11.88 20.45 37.69
C VAL G 190 -12.47 21.58 36.87
N VAL G 191 -11.99 21.79 35.67
CA VAL G 191 -12.52 22.82 34.78
C VAL G 191 -14.00 22.53 34.49
N SER G 192 -14.86 23.52 34.74
CA SER G 192 -16.30 23.30 34.65
C SER G 192 -16.96 24.29 33.74
N TRP G 193 -17.16 25.54 34.17
CA TRP G 193 -17.95 26.50 33.39
C TRP G 193 -17.51 27.94 33.60
N GLY G 194 -18.09 28.85 32.83
CA GLY G 194 -17.93 30.31 33.00
C GLY G 194 -18.87 30.95 31.99
N HIS G 195 -19.10 32.27 32.10
CA HIS G 195 -19.88 33.03 31.12
C HIS G 195 -18.86 33.57 30.17
N GLY G 196 -18.84 33.00 28.97
CA GLY G 196 -17.77 33.19 28.03
C GLY G 196 -16.45 32.59 28.50
N CYS G 197 -15.35 33.10 27.93
CA CYS G 197 -13.97 32.75 28.39
C CYS G 197 -13.16 34.04 28.52
N ALA G 198 -12.54 34.18 29.68
CA ALA G 198 -11.71 35.34 29.99
C ALA G 198 -12.38 36.72 29.87
N TRP G 199 -13.70 36.83 30.02
CA TRP G 199 -14.40 38.10 29.95
C TRP G 199 -14.20 38.81 31.27
N LYS G 200 -14.37 40.13 31.28
CA LYS G 200 -14.20 40.89 32.50
C LYS G 200 -15.23 40.43 33.55
N ASN G 201 -14.78 40.23 34.79
CA ASN G 201 -15.63 39.77 35.90
C ASN G 201 -16.42 38.48 35.66
N ARG G 202 -15.87 37.53 34.88
CA ARG G 202 -16.55 36.28 34.64
C ARG G 202 -15.44 35.26 34.66
N PRO G 203 -14.87 35.00 35.84
CA PRO G 203 -13.77 34.07 35.95
C PRO G 203 -14.28 32.64 35.89
N GLY G 204 -13.37 31.74 35.59
CA GLY G 204 -13.70 30.33 35.50
C GLY G 204 -14.18 29.80 36.84
N VAL G 205 -15.15 28.88 36.75
CA VAL G 205 -15.78 28.23 37.86
C VAL G 205 -15.40 26.76 37.72
N TYR G 206 -14.97 26.19 38.83
CA TYR G 206 -14.29 24.92 38.89
C TYR G 206 -14.95 24.07 39.97
N THR G 207 -14.99 22.75 39.78
CA THR G 207 -15.49 21.89 40.78
C THR G 207 -14.43 21.68 41.87
N LYS G 208 -14.83 21.78 43.11
CA LYS G 208 -13.97 21.68 44.23
C LYS G 208 -13.72 20.22 44.63
N VAL G 209 -12.57 19.73 44.18
CA VAL G 209 -12.27 18.32 44.28
C VAL G 209 -12.23 17.87 45.75
N TYR G 210 -11.79 18.75 46.62
CA TYR G 210 -11.76 18.44 48.03
C TYR G 210 -13.08 17.88 48.58
N ASN G 211 -14.19 18.42 48.10
CA ASN G 211 -15.50 17.98 48.57
C ASN G 211 -15.87 16.57 48.20
N TYR G 212 -15.11 15.95 47.31
CA TYR G 212 -15.43 14.65 46.73
C TYR G 212 -14.38 13.55 47.08
N VAL G 213 -13.40 13.88 47.90
CA VAL G 213 -12.32 12.94 48.16
C VAL G 213 -12.87 11.62 48.71
N ASP G 214 -13.80 11.64 49.62
CA ASP G 214 -14.38 10.40 50.09
C ASP G 214 -15.19 9.64 49.06
N TRP G 215 -16.03 10.33 48.30
CA TRP G 215 -16.73 9.68 47.16
C TRP G 215 -15.76 9.03 46.16
N ILE G 216 -14.64 9.71 45.89
CA ILE G 216 -13.64 9.22 44.96
C ILE G 216 -13.04 7.88 45.49
N LYS G 217 -12.62 7.93 46.75
CA LYS G 217 -12.03 6.76 47.40
C LYS G 217 -13.02 5.61 47.45
N ASP G 218 -14.27 5.88 47.80
CA ASP G 218 -15.29 4.85 47.80
C ASP G 218 -15.58 4.27 46.42
N THR G 219 -15.67 5.12 45.39
CA THR G 219 -15.94 4.63 44.06
C THR G 219 -14.82 3.75 43.57
N ILE G 220 -13.59 4.22 43.78
CA ILE G 220 -12.44 3.46 43.44
C ILE G 220 -12.44 2.06 44.11
N ALA G 221 -12.69 2.04 45.42
CA ALA G 221 -12.65 0.83 46.18
C ALA G 221 -13.75 -0.11 45.76
N ALA G 222 -14.93 0.44 45.49
CA ALA G 222 -16.06 -0.39 45.11
C ALA G 222 -15.85 -0.96 43.68
N ASN G 223 -14.97 -0.40 42.90
CA ASN G 223 -14.77 -0.85 41.56
C ASN G 223 -13.38 -1.43 41.34
N SER G 224 -12.80 -2.01 42.38
N SER G 224 -12.84 -2.11 42.34
CA SER G 224 -11.41 -2.50 42.35
CA SER G 224 -11.52 -2.75 42.28
C SER G 224 -11.35 -4.03 42.38
C SER G 224 -11.57 -4.31 42.45
N MET H 13 -37.43 29.46 8.51
CA MET H 13 -38.86 29.33 8.82
C MET H 13 -39.05 28.81 10.24
N HIS H 14 -38.32 27.78 10.64
CA HIS H 14 -38.46 27.32 12.02
C HIS H 14 -37.74 28.42 12.82
N SER H 15 -38.40 29.00 13.81
CA SER H 15 -37.83 30.11 14.58
C SER H 15 -36.42 29.92 15.12
N PHE H 16 -36.10 28.72 15.59
CA PHE H 16 -34.80 28.45 16.16
C PHE H 16 -33.69 28.56 15.14
N CYS H 17 -33.99 28.44 13.84
CA CYS H 17 -32.96 28.64 12.84
C CYS H 17 -32.39 30.06 12.89
N ALA H 18 -33.19 30.97 13.40
CA ALA H 18 -32.80 32.34 13.61
C ALA H 18 -32.17 32.67 14.99
N PHE H 19 -32.08 31.75 15.96
CA PHE H 19 -31.43 32.07 17.22
C PHE H 19 -29.94 32.15 16.96
N LYS H 20 -29.25 33.01 17.72
CA LYS H 20 -27.82 33.15 17.58
C LYS H 20 -27.16 31.91 18.18
N ALA H 21 -26.16 31.37 17.50
CA ALA H 21 -25.45 30.19 17.98
C ALA H 21 -24.97 30.43 19.40
N ASP H 22 -25.12 29.44 20.29
CA ASP H 22 -24.76 29.61 21.65
C ASP H 22 -23.95 28.36 22.11
N ASP H 23 -22.69 28.58 22.44
CA ASP H 23 -21.88 27.50 22.96
C ASP H 23 -22.16 27.16 24.43
N GLY H 24 -22.90 28.04 25.11
CA GLY H 24 -23.32 27.78 26.49
C GLY H 24 -22.18 28.01 27.45
N PRO H 25 -22.43 27.84 28.74
CA PRO H 25 -21.40 28.16 29.75
C PRO H 25 -20.41 27.04 30.05
N CYS H 26 -20.79 25.81 29.74
CA CYS H 26 -19.92 24.68 29.98
C CYS H 26 -18.77 24.69 29.01
N ARG H 27 -17.73 23.96 29.35
CA ARG H 27 -16.44 24.07 28.69
C ARG H 27 -15.92 22.83 27.98
N ALA H 28 -16.86 21.94 27.63
CA ALA H 28 -16.54 20.88 26.72
C ALA H 28 -16.48 21.41 25.28
N CYS H 29 -16.01 20.57 24.38
CA CYS H 29 -16.13 20.86 22.94
C CYS H 29 -16.83 19.68 22.28
N MET H 30 -18.16 19.72 22.32
CA MET H 30 -18.98 18.73 21.64
C MET H 30 -19.24 19.30 20.23
N LYS H 31 -18.78 18.62 19.19
CA LYS H 31 -18.93 19.14 17.83
C LYS H 31 -20.42 19.16 17.45
N ARG H 32 -20.89 20.34 17.09
CA ARG H 32 -22.26 20.54 16.71
C ARG H 32 -22.30 21.49 15.52
N PHE H 33 -23.46 21.63 14.94
CA PHE H 33 -23.66 22.53 13.82
C PHE H 33 -24.76 23.48 14.16
N PHE H 34 -24.63 24.69 13.67
CA PHE H 34 -25.68 25.66 13.75
C PHE H 34 -25.91 26.26 12.37
N PHE H 35 -27.10 26.84 12.23
CA PHE H 35 -27.48 27.57 11.05
C PHE H 35 -27.13 29.01 11.23
N ASN H 36 -26.25 29.47 10.35
CA ASN H 36 -25.78 30.83 10.38
C ASN H 36 -26.71 31.66 9.51
N ILE H 37 -27.50 32.54 10.12
CA ILE H 37 -28.44 33.35 9.35
C ILE H 37 -27.76 34.27 8.34
N PHE H 38 -26.66 34.91 8.71
CA PHE H 38 -25.94 35.80 7.80
C PHE H 38 -25.37 35.14 6.54
N THR H 39 -24.79 33.95 6.66
CA THR H 39 -24.24 33.26 5.49
C THR H 39 -25.21 32.25 4.91
N ARG H 40 -26.34 32.07 5.58
CA ARG H 40 -27.35 31.07 5.20
C ARG H 40 -26.70 29.67 4.98
N GLN H 41 -25.66 29.37 5.74
CA GLN H 41 -25.01 28.09 5.63
C GLN H 41 -24.80 27.45 7.00
N CYS H 42 -24.78 26.13 7.05
CA CYS H 42 -24.58 25.41 8.30
C CYS H 42 -23.09 25.44 8.65
N GLU H 43 -22.76 25.68 9.92
CA GLU H 43 -21.38 25.75 10.34
C GLU H 43 -21.12 24.97 11.62
N GLU H 44 -19.91 24.45 11.75
CA GLU H 44 -19.51 23.67 12.89
C GLU H 44 -19.16 24.60 14.04
N PHE H 45 -19.46 24.19 15.28
CA PHE H 45 -18.96 24.90 16.47
C PHE H 45 -18.79 23.92 17.65
N CYS H 46 -18.03 24.38 18.66
CA CYS H 46 -17.86 23.67 19.92
C CYS H 46 -19.02 24.06 20.81
N TYR H 47 -19.92 23.11 21.00
CA TYR H 47 -20.93 23.28 21.99
C TYR H 47 -20.32 22.85 23.35
N GLY H 48 -20.54 23.65 24.37
CA GLY H 48 -19.90 23.42 25.66
C GLY H 48 -20.44 22.27 26.49
N GLY H 49 -21.64 21.78 26.13
CA GLY H 49 -22.24 20.58 26.73
C GLY H 49 -23.44 20.83 27.65
N CYS H 50 -23.83 22.10 27.83
CA CYS H 50 -25.00 22.44 28.60
C CYS H 50 -25.59 23.74 28.14
N GLU H 51 -26.88 23.93 28.38
CA GLU H 51 -27.52 25.23 28.16
C GLU H 51 -27.29 26.02 26.86
N GLY H 52 -27.56 25.46 25.71
CA GLY H 52 -27.40 26.26 24.50
C GLY H 52 -28.77 26.71 24.07
N ASN H 53 -29.02 26.73 22.77
CA ASN H 53 -30.34 27.01 22.24
C ASN H 53 -30.60 25.99 21.12
N GLN H 54 -31.82 25.92 20.64
CA GLN H 54 -32.17 24.86 19.71
C GLN H 54 -31.53 25.07 18.30
N ASN H 55 -30.77 26.13 18.09
CA ASN H 55 -30.08 26.24 16.82
C ASN H 55 -28.80 25.41 17.02
N ARG H 56 -28.95 24.12 17.29
CA ARG H 56 -27.80 23.23 17.50
C ARG H 56 -28.15 21.85 16.91
N PHE H 57 -27.33 21.37 16.01
CA PHE H 57 -27.62 20.14 15.36
C PHE H 57 -26.43 19.21 15.43
N GLU H 58 -26.70 17.93 15.52
CA GLU H 58 -25.67 16.92 15.55
C GLU H 58 -24.82 16.80 14.25
N SER H 59 -25.43 16.97 13.09
CA SER H 59 -24.71 16.83 11.83
C SER H 59 -25.09 17.90 10.80
N LEU H 60 -24.24 18.07 9.79
CA LEU H 60 -24.50 19.01 8.72
C LEU H 60 -25.85 18.67 8.07
N GLU H 61 -26.07 17.37 7.81
CA GLU H 61 -27.33 16.90 7.20
C GLU H 61 -28.57 17.37 7.99
N GLU H 62 -28.58 17.14 9.30
CA GLU H 62 -29.71 17.56 10.12
C GLU H 62 -29.92 19.08 10.07
N CYS H 63 -28.85 19.86 10.16
CA CYS H 63 -29.01 21.29 10.08
C CYS H 63 -29.60 21.74 8.73
N LYS H 64 -29.11 21.19 7.62
CA LYS H 64 -29.59 21.52 6.30
C LYS H 64 -31.06 21.13 6.16
N LYS H 65 -31.45 19.99 6.71
CA LYS H 65 -32.83 19.55 6.67
C LYS H 65 -33.72 20.51 7.45
N MET H 66 -33.38 20.75 8.71
CA MET H 66 -34.15 21.63 9.60
C MET H 66 -34.24 23.11 9.19
N CYS H 67 -33.18 23.70 8.65
CA CYS H 67 -33.22 25.10 8.28
C CYS H 67 -33.03 25.40 6.79
#